data_4KFU
#
_entry.id   4KFU
#
_cell.length_a   46.558
_cell.length_b   65.227
_cell.length_c   72.118
_cell.angle_alpha   90.85
_cell.angle_beta   93.77
_cell.angle_gamma   91.56
#
_symmetry.space_group_name_H-M   'P 1'
#
loop_
_entity.id
_entity.type
_entity.pdbx_description
1 polymer 'Genome packaging NTPase B204'
2 non-polymer 'PHOSPHOMETHYLPHOSPHONIC ACID ADENYLATE ESTER'
3 non-polymer 'CITRATE ANION'
4 non-polymer 'MAGNESIUM ION'
5 non-polymer 'ZINC ION'
6 water water
#
_entity_poly.entity_id   1
_entity_poly.type   'polypeptide(L)'
_entity_poly.pdbx_seq_one_letter_code
;MNPDDIVVLVGRKKSGKSYLIKHYFIPVLKAHKISYIIDDHNLLRSGSEYSKFGYNATSLSDIVSKQYVVVYDRAKNDDF
FEKLWQASKLHSKKYGTTVLIIDEAYYHFKYKQKVTPAIDEALHANRHAGLGLILSTQRVYDLMPIVYKQADLIIMFYTR
EPNELRWISKYISAEAAEKVKTLKQYHFLIYDVNSQTIKIHKPILEHHHHHH
;
_entity_poly.pdbx_strand_id   A,B,C,D
#
loop_
_chem_comp.id
_chem_comp.type
_chem_comp.name
_chem_comp.formula
ACP non-polymer 'PHOSPHOMETHYLPHOSPHONIC ACID ADENYLATE ESTER' 'C11 H18 N5 O12 P3'
FLC non-polymer 'CITRATE ANION' 'C6 H5 O7 -3'
MG non-polymer 'MAGNESIUM ION' 'Mg 2'
ZN non-polymer 'ZINC ION' 'Zn 2'
#
# COMPACT_ATOMS: atom_id res chain seq x y z
N ASN A 2 -21.99 -4.27 -28.08
CA ASN A 2 -20.61 -4.31 -28.56
C ASN A 2 -19.57 -4.27 -27.43
N PRO A 3 -18.66 -5.25 -27.40
CA PRO A 3 -17.62 -5.35 -26.37
C PRO A 3 -16.58 -4.23 -26.48
N ASP A 4 -16.37 -3.69 -27.68
CA ASP A 4 -15.40 -2.60 -27.82
C ASP A 4 -16.02 -1.20 -27.75
N ASP A 5 -17.25 -1.10 -27.26
CA ASP A 5 -17.88 0.21 -27.08
C ASP A 5 -17.25 0.96 -25.91
N ILE A 6 -17.31 2.28 -25.98
CA ILE A 6 -16.98 3.09 -24.82
C ILE A 6 -18.33 3.41 -24.15
N VAL A 7 -18.47 2.99 -22.90
CA VAL A 7 -19.69 3.23 -22.14
C VAL A 7 -19.34 4.08 -20.94
N VAL A 8 -20.14 5.13 -20.72
CA VAL A 8 -19.91 6.04 -19.62
C VAL A 8 -21.12 6.06 -18.71
N LEU A 9 -20.89 5.78 -17.42
CA LEU A 9 -21.97 5.82 -16.44
C LEU A 9 -21.81 7.03 -15.53
N VAL A 10 -22.88 7.80 -15.39
CA VAL A 10 -22.86 8.99 -14.54
C VAL A 10 -23.98 8.90 -13.52
N GLY A 11 -23.63 9.04 -12.25
CA GLY A 11 -24.66 8.96 -11.22
C GLY A 11 -24.14 9.34 -9.85
N ARG A 12 -24.98 10.04 -9.07
CA ARG A 12 -24.63 10.42 -7.71
C ARG A 12 -24.26 9.21 -6.85
N LYS A 13 -23.52 9.44 -5.76
CA LYS A 13 -23.23 8.37 -4.82
C LYS A 13 -24.52 7.70 -4.37
N LYS A 14 -24.54 6.37 -4.40
CA LYS A 14 -25.72 5.54 -4.10
C LYS A 14 -26.81 5.58 -5.17
N SER A 15 -26.52 6.16 -6.33
CA SER A 15 -27.48 6.15 -7.46
C SER A 15 -27.75 4.75 -8.02
N GLY A 16 -26.74 3.88 -7.95
CA GLY A 16 -26.88 2.54 -8.49
C GLY A 16 -25.98 2.26 -9.68
N LYS A 17 -25.03 3.14 -9.96
CA LYS A 17 -24.15 2.95 -11.12
C LYS A 17 -23.19 1.75 -10.98
N SER A 18 -22.62 1.56 -9.79
CA SER A 18 -21.73 0.40 -9.58
C SER A 18 -22.54 -0.88 -9.55
N TYR A 19 -23.78 -0.77 -9.05
CA TYR A 19 -24.71 -1.90 -9.04
C TYR A 19 -24.97 -2.35 -10.46
N LEU A 20 -25.15 -1.38 -11.35
CA LEU A 20 -25.28 -1.65 -12.79
C LEU A 20 -24.06 -2.41 -13.34
N ILE A 21 -22.86 -1.98 -12.96
CA ILE A 21 -21.65 -2.65 -13.39
C ILE A 21 -21.62 -4.08 -12.86
N LYS A 22 -21.92 -4.26 -11.58
CA LYS A 22 -21.80 -5.56 -10.92
C LYS A 22 -22.87 -6.55 -11.34
N HIS A 23 -24.08 -6.06 -11.61
CA HIS A 23 -25.21 -6.96 -11.82
C HIS A 23 -25.84 -6.87 -13.19
N TYR A 24 -25.28 -6.04 -14.07
CA TYR A 24 -25.67 -6.11 -15.45
C TYR A 24 -24.48 -6.31 -16.38
N PHE A 25 -23.58 -5.32 -16.43
CA PHE A 25 -22.44 -5.40 -17.34
C PHE A 25 -21.54 -6.62 -17.14
N ILE A 26 -21.02 -6.79 -15.93
CA ILE A 26 -20.16 -7.95 -15.64
C ILE A 26 -20.79 -9.32 -15.95
N PRO A 27 -22.04 -9.59 -15.49
CA PRO A 27 -22.68 -10.84 -15.87
C PRO A 27 -22.81 -11.03 -17.38
N VAL A 28 -23.17 -9.98 -18.11
CA VAL A 28 -23.38 -10.10 -19.56
C VAL A 28 -22.05 -10.38 -20.29
N LEU A 29 -20.99 -9.72 -19.83
CA LEU A 29 -19.68 -9.95 -20.38
C LEU A 29 -19.29 -11.40 -20.18
N LYS A 30 -19.33 -11.84 -18.92
CA LYS A 30 -18.97 -13.22 -18.56
C LYS A 30 -19.82 -14.24 -19.31
N ALA A 31 -21.09 -13.91 -19.52
CA ALA A 31 -21.99 -14.79 -20.24
C ALA A 31 -21.57 -14.96 -21.69
N HIS A 32 -21.06 -13.87 -22.29
CA HIS A 32 -20.58 -13.94 -23.67
C HIS A 32 -19.10 -14.32 -23.77
N LYS A 33 -18.52 -14.77 -22.66
CA LYS A 33 -17.09 -15.13 -22.61
C LYS A 33 -16.16 -13.98 -22.98
N ILE A 34 -16.48 -12.79 -22.49
CA ILE A 34 -15.66 -11.59 -22.73
C ILE A 34 -14.88 -11.23 -21.46
N SER A 35 -13.56 -11.11 -21.60
CA SER A 35 -12.70 -10.85 -20.46
CA SER A 35 -12.67 -10.84 -20.47
C SER A 35 -12.81 -9.40 -19.99
N TYR A 36 -12.44 -9.16 -18.74
CA TYR A 36 -12.39 -7.79 -18.25
C TYR A 36 -11.27 -7.54 -17.25
N ILE A 37 -10.85 -6.27 -17.21
CA ILE A 37 -9.86 -5.77 -16.26
C ILE A 37 -10.53 -4.64 -15.49
N ILE A 38 -10.55 -4.74 -14.16
CA ILE A 38 -11.13 -3.65 -13.36
C ILE A 38 -10.09 -2.81 -12.63
N ASP A 39 -10.06 -1.53 -12.96
CA ASP A 39 -9.22 -0.53 -12.27
C ASP A 39 -10.02 0.00 -11.09
N ASP A 40 -9.68 -0.49 -9.89
CA ASP A 40 -10.46 -0.29 -8.66
C ASP A 40 -9.76 0.70 -7.73
N HIS A 41 -10.47 1.73 -7.27
CA HIS A 41 -9.86 2.76 -6.43
C HIS A 41 -10.37 2.74 -4.99
N ASN A 42 -11.33 1.88 -4.71
CA ASN A 42 -12.03 1.88 -3.42
C ASN A 42 -11.67 0.71 -2.52
N LEU A 43 -10.95 1.01 -1.43
CA LEU A 43 -10.61 -0.01 -0.44
C LEU A 43 -11.79 -0.33 0.48
N LEU A 44 -11.91 -1.59 0.87
CA LEU A 44 -12.93 -2.01 1.82
C LEU A 44 -12.29 -2.45 3.13
N ARG A 45 -13.08 -3.04 4.03
CA ARG A 45 -12.55 -3.56 5.30
C ARG A 45 -11.44 -4.53 4.98
N SER A 46 -11.81 -5.62 4.29
CA SER A 46 -10.84 -6.47 3.63
C SER A 46 -10.96 -6.20 2.12
N GLY A 47 -9.84 -6.24 1.41
CA GLY A 47 -9.83 -6.09 -0.03
C GLY A 47 -10.45 -4.80 -0.57
N SER A 48 -10.70 -4.77 -1.87
CA SER A 48 -11.27 -3.60 -2.52
C SER A 48 -12.68 -3.91 -3.02
N GLU A 49 -13.39 -2.88 -3.46
CA GLU A 49 -14.81 -3.02 -3.77
C GLU A 49 -15.10 -4.17 -4.72
N TYR A 50 -14.24 -4.36 -5.72
CA TYR A 50 -14.50 -5.39 -6.73
C TYR A 50 -13.70 -6.68 -6.54
N SER A 51 -13.10 -6.88 -5.36
CA SER A 51 -12.27 -8.07 -5.09
C SER A 51 -12.93 -9.40 -5.46
N LYS A 52 -14.24 -9.51 -5.28
CA LYS A 52 -14.92 -10.75 -5.57
C LYS A 52 -15.08 -11.04 -7.06
N PHE A 53 -14.81 -10.05 -7.91
CA PHE A 53 -15.13 -10.15 -9.33
C PHE A 53 -14.01 -10.62 -10.26
N GLY A 54 -12.85 -10.97 -9.69
CA GLY A 54 -11.76 -11.49 -10.50
C GLY A 54 -10.47 -11.70 -9.72
N TYR A 55 -9.40 -12.07 -10.42
CA TYR A 55 -8.12 -12.30 -9.74
C TYR A 55 -7.50 -10.97 -9.26
N ASN A 56 -7.19 -10.90 -7.97
CA ASN A 56 -6.60 -9.69 -7.39
C ASN A 56 -5.11 -9.59 -7.73
N ALA A 57 -4.80 -8.84 -8.78
CA ALA A 57 -3.46 -8.75 -9.34
C ALA A 57 -2.48 -7.97 -8.48
N THR A 58 -1.23 -8.43 -8.43
CA THR A 58 -0.18 -7.77 -7.67
C THR A 58 1.04 -7.49 -8.54
N SER A 59 0.94 -7.85 -9.82
CA SER A 59 1.99 -7.55 -10.79
C SER A 59 1.39 -7.23 -12.17
N LEU A 60 2.19 -6.65 -13.04
CA LEU A 60 1.76 -6.38 -14.41
C LEU A 60 1.49 -7.66 -15.15
N SER A 61 2.24 -8.69 -14.77
CA SER A 61 2.12 -9.99 -15.41
C SER A 61 0.74 -10.57 -15.19
N ASP A 62 0.24 -10.44 -13.95
CA ASP A 62 -1.11 -10.88 -13.63
C ASP A 62 -2.16 -10.20 -14.50
N ILE A 63 -1.95 -8.92 -14.79
CA ILE A 63 -2.93 -8.17 -15.58
C ILE A 63 -3.05 -8.78 -16.97
N VAL A 64 -1.90 -9.13 -17.57
CA VAL A 64 -1.90 -9.75 -18.89
C VAL A 64 -2.43 -11.20 -18.89
N SER A 65 -2.03 -12.00 -17.89
CA SER A 65 -2.27 -13.44 -17.93
C SER A 65 -3.62 -13.92 -17.39
N LYS A 66 -4.18 -13.18 -16.42
CA LYS A 66 -5.44 -13.59 -15.78
C LYS A 66 -6.65 -13.12 -16.58
N GLN A 67 -7.57 -14.03 -16.86
CA GLN A 67 -8.72 -13.76 -17.72
C GLN A 67 -9.67 -12.71 -17.13
N TYR A 68 -10.02 -12.87 -15.85
CA TYR A 68 -10.81 -11.88 -15.14
C TYR A 68 -9.97 -11.30 -14.02
N VAL A 69 -9.67 -10.00 -14.12
CA VAL A 69 -8.66 -9.42 -13.26
C VAL A 69 -9.07 -8.09 -12.63
N VAL A 70 -8.69 -7.92 -11.37
CA VAL A 70 -9.01 -6.75 -10.59
C VAL A 70 -7.71 -6.14 -10.08
N VAL A 71 -7.52 -4.86 -10.38
CA VAL A 71 -6.31 -4.15 -10.03
C VAL A 71 -6.67 -3.04 -9.04
N TYR A 72 -6.20 -3.13 -7.81
CA TYR A 72 -6.37 -2.00 -6.89
C TYR A 72 -5.36 -0.91 -7.23
N ASP A 73 -5.84 0.30 -7.51
CA ASP A 73 -4.98 1.42 -7.90
C ASP A 73 -4.72 2.38 -6.75
N ARG A 74 -3.53 2.27 -6.17
CA ARG A 74 -3.17 3.04 -4.99
C ARG A 74 -2.71 4.46 -5.34
N ALA A 75 -1.86 4.57 -6.36
CA ALA A 75 -1.29 5.86 -6.77
C ALA A 75 -2.31 6.81 -7.42
N LYS A 76 -3.27 6.24 -8.14
CA LYS A 76 -4.35 7.02 -8.80
C LYS A 76 -3.84 8.14 -9.68
N ASN A 77 -2.73 7.90 -10.39
CA ASN A 77 -2.07 8.94 -11.18
C ASN A 77 -1.91 8.61 -12.67
N ASP A 78 -1.39 9.57 -13.42
CA ASP A 78 -1.21 9.41 -14.87
C ASP A 78 -0.26 8.26 -15.22
N ASP A 79 0.79 8.10 -14.42
CA ASP A 79 1.80 7.06 -14.68
C ASP A 79 1.18 5.68 -14.57
N PHE A 80 0.29 5.51 -13.59
CA PHE A 80 -0.34 4.22 -13.38
C PHE A 80 -1.25 3.87 -14.55
N PHE A 81 -2.10 4.81 -14.97
CA PHE A 81 -3.01 4.50 -16.08
C PHE A 81 -2.23 4.12 -17.33
N GLU A 82 -1.11 4.81 -17.58
CA GLU A 82 -0.33 4.51 -18.77
C GLU A 82 0.18 3.06 -18.75
N LYS A 83 0.67 2.65 -17.58
CA LYS A 83 1.17 1.28 -17.40
C LYS A 83 0.03 0.29 -17.55
N LEU A 84 -1.11 0.59 -16.94
CA LEU A 84 -2.28 -0.28 -17.02
C LEU A 84 -2.79 -0.45 -18.45
N TRP A 85 -2.72 0.63 -19.23
CA TRP A 85 -3.18 0.60 -20.61
C TRP A 85 -2.31 -0.30 -21.47
N GLN A 86 -1.00 -0.20 -21.32
CA GLN A 86 -0.07 -1.04 -22.06
C GLN A 86 -0.29 -2.50 -21.72
N ALA A 87 -0.47 -2.78 -20.42
CA ALA A 87 -0.73 -4.15 -19.96
C ALA A 87 -2.09 -4.64 -20.46
N SER A 88 -3.06 -3.73 -20.54
CA SER A 88 -4.39 -4.11 -21.04
C SER A 88 -4.37 -4.50 -22.50
N LYS A 89 -3.60 -3.76 -23.30
CA LYS A 89 -3.44 -4.07 -24.73
C LYS A 89 -2.83 -5.46 -24.93
N LEU A 90 -1.82 -5.80 -24.12
CA LEU A 90 -1.23 -7.14 -24.21
C LEU A 90 -2.21 -8.21 -23.72
N HIS A 91 -2.94 -7.90 -22.64
CA HIS A 91 -4.02 -8.76 -22.20
C HIS A 91 -4.99 -9.04 -23.35
N SER A 92 -5.30 -8.02 -24.14
CA SER A 92 -6.24 -8.15 -25.24
C SER A 92 -5.69 -9.02 -26.38
N LYS A 93 -4.38 -8.93 -26.58
CA LYS A 93 -3.71 -9.80 -27.55
C LYS A 93 -3.98 -11.26 -27.20
N LYS A 94 -3.86 -11.59 -25.92
CA LYS A 94 -4.03 -12.97 -25.46
C LYS A 94 -5.50 -13.38 -25.45
N TYR A 95 -6.34 -12.60 -24.78
CA TYR A 95 -7.73 -12.99 -24.53
C TYR A 95 -8.73 -12.45 -25.55
N GLY A 96 -8.27 -11.73 -26.56
CA GLY A 96 -9.18 -11.13 -27.52
C GLY A 96 -9.84 -9.88 -26.94
N THR A 97 -10.90 -9.39 -27.57
CA THR A 97 -11.52 -8.13 -27.15
C THR A 97 -11.90 -8.11 -25.66
N THR A 98 -11.38 -7.12 -24.95
CA THR A 98 -11.50 -7.05 -23.51
C THR A 98 -12.13 -5.71 -23.11
N VAL A 99 -12.95 -5.70 -22.06
CA VAL A 99 -13.42 -4.46 -21.48
C VAL A 99 -12.60 -3.99 -20.28
N LEU A 100 -12.03 -2.80 -20.39
CA LEU A 100 -11.35 -2.16 -19.26
C LEU A 100 -12.39 -1.35 -18.47
N ILE A 101 -12.66 -1.77 -17.24
CA ILE A 101 -13.63 -1.12 -16.37
C ILE A 101 -12.97 -0.23 -15.34
N ILE A 102 -13.34 1.04 -15.36
CA ILE A 102 -12.71 2.04 -14.51
C ILE A 102 -13.75 2.73 -13.64
N ASP A 103 -13.90 2.25 -12.40
CA ASP A 103 -14.80 2.93 -11.47
C ASP A 103 -14.05 4.14 -10.90
N GLU A 104 -14.79 5.16 -10.49
CA GLU A 104 -14.18 6.43 -10.06
C GLU A 104 -13.22 6.96 -11.15
N ALA A 105 -13.70 7.03 -12.38
CA ALA A 105 -12.84 7.38 -13.51
C ALA A 105 -12.28 8.79 -13.50
N TYR A 106 -12.72 9.64 -12.57
CA TYR A 106 -12.17 11.00 -12.50
C TYR A 106 -10.69 11.02 -12.10
N TYR A 107 -10.18 9.90 -11.60
CA TYR A 107 -8.75 9.87 -11.27
C TYR A 107 -7.88 9.97 -12.52
N HIS A 108 -8.36 9.43 -13.64
CA HIS A 108 -7.54 9.35 -14.86
C HIS A 108 -8.06 10.21 -16.00
N PHE A 109 -9.33 10.60 -15.91
CA PHE A 109 -9.97 11.34 -17.00
C PHE A 109 -10.58 12.65 -16.50
N LYS A 110 -9.92 13.27 -15.52
CA LYS A 110 -10.48 14.44 -14.85
C LYS A 110 -10.64 15.63 -15.79
N TYR A 111 -11.73 16.38 -15.63
CA TYR A 111 -11.88 17.67 -16.30
C TYR A 111 -10.61 18.52 -16.10
N LYS A 112 -10.08 19.03 -17.21
CA LYS A 112 -8.93 19.94 -17.20
C LYS A 112 -7.60 19.27 -16.87
N GLN A 113 -7.57 17.94 -16.85
CA GLN A 113 -6.30 17.24 -16.64
C GLN A 113 -5.54 17.06 -17.95
N LYS A 114 -4.29 16.59 -17.83
CA LYS A 114 -3.42 16.40 -18.98
C LYS A 114 -3.78 15.15 -19.76
N VAL A 115 -3.93 15.30 -21.08
CA VAL A 115 -4.23 14.15 -21.94
C VAL A 115 -2.94 13.41 -22.33
N THR A 116 -2.65 12.30 -21.64
CA THR A 116 -1.47 11.47 -21.93
C THR A 116 -1.69 10.68 -23.22
N PRO A 117 -0.61 10.07 -23.75
CA PRO A 117 -0.80 9.20 -24.91
C PRO A 117 -1.82 8.09 -24.67
N ALA A 118 -1.80 7.51 -23.46
CA ALA A 118 -2.73 6.44 -23.11
C ALA A 118 -4.19 6.90 -23.16
N ILE A 119 -4.46 8.07 -22.58
CA ILE A 119 -5.82 8.61 -22.59
C ILE A 119 -6.28 8.88 -24.02
N ASP A 120 -5.43 9.51 -24.82
CA ASP A 120 -5.79 9.77 -26.20
C ASP A 120 -6.08 8.49 -26.95
N GLU A 121 -5.23 7.48 -26.76
CA GLU A 121 -5.47 6.20 -27.41
C GLU A 121 -6.77 5.54 -26.94
N ALA A 122 -7.02 5.61 -25.64
CA ALA A 122 -8.19 4.98 -25.05
C ALA A 122 -9.47 5.55 -25.68
N LEU A 123 -9.47 6.86 -25.92
CA LEU A 123 -10.69 7.54 -26.39
C LEU A 123 -10.82 7.59 -27.91
N HIS A 124 -9.72 7.35 -28.63
CA HIS A 124 -9.78 7.43 -30.09
C HIS A 124 -9.39 6.15 -30.84
N ALA A 125 -8.67 5.25 -30.19
CA ALA A 125 -8.16 4.09 -30.90
C ALA A 125 -8.45 2.80 -30.14
N ASN A 126 -9.52 2.82 -29.35
CA ASN A 126 -9.78 1.69 -28.46
C ASN A 126 -10.13 0.42 -29.22
N ARG A 127 -10.85 0.58 -30.33
CA ARG A 127 -11.25 -0.60 -31.11
C ARG A 127 -10.03 -1.29 -31.72
N HIS A 128 -9.08 -0.51 -32.22
CA HIS A 128 -7.86 -1.07 -32.78
C HIS A 128 -7.00 -1.71 -31.70
N ALA A 129 -7.14 -1.23 -30.46
CA ALA A 129 -6.40 -1.76 -29.32
C ALA A 129 -7.09 -3.00 -28.76
N GLY A 130 -8.29 -3.27 -29.27
CA GLY A 130 -9.10 -4.39 -28.83
C GLY A 130 -9.65 -4.22 -27.43
N LEU A 131 -9.87 -2.97 -27.03
CA LEU A 131 -10.35 -2.68 -25.68
C LEU A 131 -11.62 -1.85 -25.68
N GLY A 132 -12.66 -2.35 -25.04
CA GLY A 132 -13.80 -1.52 -24.71
C GLY A 132 -13.52 -0.82 -23.39
N LEU A 133 -14.32 0.19 -23.06
CA LEU A 133 -14.15 0.91 -21.82
C LEU A 133 -15.49 1.07 -21.15
N ILE A 134 -15.52 0.85 -19.85
CA ILE A 134 -16.65 1.31 -19.04
C ILE A 134 -16.10 2.32 -18.05
N LEU A 135 -16.59 3.55 -18.13
CA LEU A 135 -16.11 4.62 -17.27
C LEU A 135 -17.25 5.08 -16.38
N SER A 136 -16.96 5.29 -15.10
CA SER A 136 -18.01 5.63 -14.14
C SER A 136 -17.59 6.85 -13.34
N THR A 137 -18.52 7.79 -13.14
CA THR A 137 -18.24 8.97 -12.32
C THR A 137 -19.48 9.50 -11.66
N GLN A 138 -19.31 10.41 -10.71
CA GLN A 138 -20.42 10.86 -9.87
C GLN A 138 -21.17 12.06 -10.45
N ARG A 139 -20.45 13.05 -10.96
CA ARG A 139 -21.06 14.23 -11.59
C ARG A 139 -20.59 14.31 -13.03
N VAL A 140 -21.45 14.77 -13.95
CA VAL A 140 -21.06 14.82 -15.37
C VAL A 140 -19.82 15.68 -15.57
N TYR A 141 -19.72 16.76 -14.80
CA TYR A 141 -18.62 17.70 -14.96
C TYR A 141 -17.29 17.25 -14.31
N ASP A 142 -17.25 16.04 -13.77
CA ASP A 142 -16.02 15.49 -13.20
C ASP A 142 -15.04 15.11 -14.30
N LEU A 143 -15.54 14.84 -15.51
CA LEU A 143 -14.67 14.31 -16.56
C LEU A 143 -14.44 15.27 -17.72
N MET A 144 -13.35 15.05 -18.47
CA MET A 144 -13.10 15.75 -19.71
C MET A 144 -14.28 15.61 -20.65
N PRO A 145 -14.78 16.74 -21.19
CA PRO A 145 -15.90 16.68 -22.13
C PRO A 145 -15.66 15.75 -23.31
N ILE A 146 -14.40 15.58 -23.73
CA ILE A 146 -14.13 14.67 -24.85
C ILE A 146 -14.52 13.22 -24.57
N VAL A 147 -14.50 12.82 -23.30
CA VAL A 147 -15.05 11.50 -22.94
C VAL A 147 -16.49 11.33 -23.44
N TYR A 148 -17.32 12.35 -23.28
CA TYR A 148 -18.71 12.21 -23.73
C TYR A 148 -18.83 12.28 -25.25
N LYS A 149 -17.96 13.06 -25.90
CA LYS A 149 -17.99 13.14 -27.36
C LYS A 149 -17.52 11.82 -28.01
N GLN A 150 -16.63 11.10 -27.32
CA GLN A 150 -16.08 9.86 -27.86
C GLN A 150 -16.84 8.60 -27.45
N ALA A 151 -17.75 8.74 -26.49
CA ALA A 151 -18.49 7.58 -25.99
C ALA A 151 -19.42 7.01 -27.06
N ASP A 152 -19.79 5.73 -26.92
CA ASP A 152 -20.83 5.14 -27.77
C ASP A 152 -22.16 5.11 -27.02
N LEU A 153 -22.07 4.95 -25.71
CA LEU A 153 -23.24 4.88 -24.83
C LEU A 153 -22.99 5.72 -23.59
N ILE A 154 -23.94 6.56 -23.24
CA ILE A 154 -23.85 7.31 -21.99
C ILE A 154 -25.07 7.02 -21.14
N ILE A 155 -24.83 6.54 -19.92
CA ILE A 155 -25.92 6.19 -19.02
C ILE A 155 -25.97 7.19 -17.87
N MET A 156 -27.16 7.71 -17.58
CA MET A 156 -27.30 8.74 -16.55
C MET A 156 -28.42 8.45 -15.58
N PHE A 157 -28.15 8.66 -14.28
CA PHE A 157 -29.19 8.57 -13.25
C PHE A 157 -29.68 9.98 -12.92
N TYR A 158 -30.64 10.09 -12.01
CA TYR A 158 -31.29 11.35 -11.69
C TYR A 158 -30.33 12.51 -11.39
N THR A 159 -30.59 13.66 -12.00
CA THR A 159 -30.04 14.92 -11.50
C THR A 159 -30.87 16.13 -11.92
N ARG A 160 -30.88 17.15 -11.07
CA ARG A 160 -31.42 18.46 -11.45
C ARG A 160 -30.43 19.56 -11.14
N GLU A 161 -29.17 19.19 -10.91
CA GLU A 161 -28.15 20.19 -10.62
C GLU A 161 -27.83 21.00 -11.90
N PRO A 162 -28.02 22.34 -11.83
CA PRO A 162 -27.97 23.21 -13.02
C PRO A 162 -26.69 23.11 -13.83
N ASN A 163 -25.53 23.03 -13.18
CA ASN A 163 -24.29 22.88 -13.95
C ASN A 163 -24.22 21.52 -14.67
N GLU A 164 -24.74 20.49 -14.01
CA GLU A 164 -24.82 19.19 -14.66
C GLU A 164 -25.74 19.22 -15.86
N LEU A 165 -26.91 19.84 -15.72
CA LEU A 165 -27.86 19.91 -16.82
C LEU A 165 -27.28 20.68 -18.01
N ARG A 166 -26.50 21.71 -17.72
CA ARG A 166 -25.87 22.51 -18.77
C ARG A 166 -24.80 21.71 -19.52
N TRP A 167 -24.04 20.90 -18.78
CA TRP A 167 -23.02 20.04 -19.39
C TRP A 167 -23.69 18.99 -20.25
N ILE A 168 -24.73 18.39 -19.72
CA ILE A 168 -25.46 17.37 -20.46
C ILE A 168 -25.99 17.96 -21.78
N SER A 169 -26.60 19.14 -21.70
CA SER A 169 -27.15 19.80 -22.88
C SER A 169 -26.05 20.07 -23.91
N LYS A 170 -24.91 20.53 -23.44
CA LYS A 170 -23.84 20.99 -24.31
C LYS A 170 -23.02 19.87 -24.94
N TYR A 171 -22.83 18.76 -24.21
CA TYR A 171 -21.86 17.75 -24.65
C TYR A 171 -22.48 16.40 -24.95
N ILE A 172 -23.74 16.24 -24.59
CA ILE A 172 -24.41 14.95 -24.74
C ILE A 172 -25.69 15.14 -25.55
N SER A 173 -26.74 15.66 -24.91
CA SER A 173 -28.01 15.89 -25.59
C SER A 173 -28.97 16.74 -24.75
N ALA A 174 -29.56 17.75 -25.37
CA ALA A 174 -30.54 18.59 -24.66
C ALA A 174 -31.81 17.82 -24.28
N GLU A 175 -32.15 16.82 -25.08
CA GLU A 175 -33.27 15.93 -24.75
C GLU A 175 -32.95 15.08 -23.51
N ALA A 176 -31.70 14.65 -23.38
CA ALA A 176 -31.24 13.92 -22.19
C ALA A 176 -31.29 14.83 -20.96
N ALA A 177 -30.90 16.09 -21.14
CA ALA A 177 -30.88 17.04 -20.04
C ALA A 177 -32.28 17.23 -19.48
N GLU A 178 -33.28 17.20 -20.35
CA GLU A 178 -34.65 17.34 -19.86
C GLU A 178 -35.12 16.06 -19.17
N LYS A 179 -34.79 14.90 -19.74
CA LYS A 179 -35.34 13.64 -19.26
C LYS A 179 -34.67 13.12 -17.98
N VAL A 180 -33.43 13.56 -17.72
CA VAL A 180 -32.71 13.10 -16.53
C VAL A 180 -33.34 13.64 -15.24
N LYS A 181 -34.08 14.74 -15.37
CA LYS A 181 -34.64 15.48 -14.23
C LYS A 181 -35.76 14.72 -13.53
N THR A 182 -36.40 13.79 -14.23
CA THR A 182 -37.57 13.12 -13.68
C THR A 182 -37.37 11.64 -13.38
N LEU A 183 -36.12 11.16 -13.47
CA LEU A 183 -35.85 9.74 -13.21
C LEU A 183 -36.08 9.39 -11.75
N LYS A 184 -36.78 8.28 -11.51
CA LYS A 184 -36.99 7.79 -10.15
C LYS A 184 -35.81 6.93 -9.69
N GLN A 185 -35.85 6.50 -8.43
CA GLN A 185 -34.71 5.78 -7.85
C GLN A 185 -34.33 4.53 -8.65
N TYR A 186 -33.05 4.43 -8.98
CA TYR A 186 -32.49 3.30 -9.72
C TYR A 186 -32.93 3.21 -11.19
N HIS A 187 -33.79 4.13 -11.62
CA HIS A 187 -34.12 4.26 -13.04
C HIS A 187 -32.95 4.96 -13.72
N PHE A 188 -32.70 4.65 -14.98
CA PHE A 188 -31.63 5.34 -15.70
C PHE A 188 -31.96 5.61 -17.17
N LEU A 189 -31.31 6.65 -17.70
CA LEU A 189 -31.44 7.01 -19.10
C LEU A 189 -30.23 6.49 -19.89
N ILE A 190 -30.49 5.90 -21.05
CA ILE A 190 -29.43 5.41 -21.91
C ILE A 190 -29.43 6.22 -23.20
N TYR A 191 -28.38 7.00 -23.40
CA TYR A 191 -28.20 7.75 -24.65
C TYR A 191 -27.21 7.05 -25.55
N ASP A 192 -27.67 6.73 -26.76
CA ASP A 192 -26.81 6.19 -27.79
C ASP A 192 -26.21 7.36 -28.54
N VAL A 193 -24.91 7.54 -28.40
CA VAL A 193 -24.23 8.68 -28.98
C VAL A 193 -24.27 8.63 -30.50
N ASN A 194 -24.24 7.42 -31.04
CA ASN A 194 -24.09 7.26 -32.49
C ASN A 194 -25.43 7.48 -33.21
N SER A 195 -26.49 6.93 -32.65
CA SER A 195 -27.82 7.09 -33.25
C SER A 195 -28.57 8.30 -32.71
N GLN A 196 -28.00 8.92 -31.68
CA GLN A 196 -28.62 10.04 -30.97
C GLN A 196 -29.99 9.68 -30.44
N THR A 197 -30.09 8.51 -29.86
CA THR A 197 -31.35 7.98 -29.40
C THR A 197 -31.37 7.86 -27.87
N ILE A 198 -32.56 7.99 -27.28
CA ILE A 198 -32.70 7.92 -25.83
C ILE A 198 -33.72 6.88 -25.40
N LYS A 199 -33.37 6.10 -24.38
CA LYS A 199 -34.30 5.16 -23.77
C LYS A 199 -34.23 5.29 -22.24
N ILE A 200 -35.38 5.30 -21.58
CA ILE A 200 -35.44 5.29 -20.13
C ILE A 200 -35.50 3.84 -19.66
N HIS A 201 -34.65 3.47 -18.71
CA HIS A 201 -34.62 2.08 -18.25
C HIS A 201 -35.15 1.94 -16.82
N LYS A 202 -35.98 0.91 -16.62
CA LYS A 202 -36.41 0.53 -15.28
C LYS A 202 -35.20 0.03 -14.50
N PRO A 203 -35.26 0.08 -13.16
CA PRO A 203 -34.15 -0.46 -12.36
C PRO A 203 -33.90 -1.91 -12.75
N ILE A 204 -32.65 -2.34 -12.74
CA ILE A 204 -32.36 -3.73 -13.06
C ILE A 204 -32.70 -4.61 -11.86
N LEU A 205 -33.00 -5.88 -12.11
CA LEU A 205 -33.28 -6.80 -11.02
C LEU A 205 -32.02 -7.05 -10.18
N GLU A 206 -31.23 -8.05 -10.58
CA GLU A 206 -29.97 -8.37 -9.91
C GLU A 206 -29.16 -9.33 -10.77
N ASN B 2 5.60 6.17 0.67
CA ASN B 2 6.15 7.45 1.11
C ASN B 2 5.13 8.59 1.31
N PRO B 3 4.17 8.77 0.36
CA PRO B 3 3.15 9.78 0.65
C PRO B 3 2.21 9.40 1.80
N ASP B 4 1.96 8.11 2.03
CA ASP B 4 1.16 7.70 3.19
C ASP B 4 2.04 7.32 4.40
N ASP B 5 3.32 7.65 4.36
CA ASP B 5 4.20 7.48 5.50
C ASP B 5 3.81 8.36 6.68
N ILE B 6 4.11 7.86 7.88
CA ILE B 6 4.10 8.69 9.08
C ILE B 6 5.53 9.19 9.32
N VAL B 7 5.68 10.51 9.38
CA VAL B 7 6.97 11.14 9.58
C VAL B 7 6.88 12.01 10.83
N VAL B 8 7.80 11.82 11.77
CA VAL B 8 7.80 12.61 12.99
C VAL B 8 9.08 13.44 13.09
N LEU B 9 8.90 14.74 13.34
CA LEU B 9 10.02 15.67 13.43
C LEU B 9 10.12 16.14 14.86
N VAL B 10 11.30 16.01 15.45
CA VAL B 10 11.49 16.40 16.84
C VAL B 10 12.65 17.39 16.93
N GLY B 11 12.41 18.56 17.49
CA GLY B 11 13.49 19.51 17.71
C GLY B 11 13.02 20.70 18.53
N ARG B 12 13.92 21.24 19.34
CA ARG B 12 13.55 22.34 20.22
C ARG B 12 13.13 23.59 19.42
N LYS B 13 12.52 24.54 20.10
CA LYS B 13 12.18 25.82 19.47
C LYS B 13 13.41 26.44 18.80
N LYS B 14 13.24 26.85 17.54
CA LYS B 14 14.28 27.41 16.67
C LYS B 14 15.28 26.41 16.10
N SER B 15 15.00 25.12 16.24
CA SER B 15 15.91 24.09 15.71
C SER B 15 15.95 24.00 14.18
N GLY B 16 14.84 24.34 13.55
CA GLY B 16 14.74 24.27 12.11
C GLY B 16 13.72 23.27 11.61
N LYS B 17 12.82 22.84 12.48
CA LYS B 17 11.88 21.79 12.06
C LYS B 17 10.81 22.31 11.09
N SER B 18 10.28 23.49 11.33
CA SER B 18 9.33 24.07 10.39
C SER B 18 10.00 24.41 9.09
N TYR B 19 11.27 24.83 9.16
CA TYR B 19 12.06 25.16 7.97
C TYR B 19 12.18 23.94 7.07
N LEU B 20 12.40 22.77 7.69
CA LEU B 20 12.36 21.48 6.98
C LEU B 20 11.05 21.21 6.24
N ILE B 21 9.93 21.42 6.91
CA ILE B 21 8.64 21.23 6.26
C ILE B 21 8.49 22.15 5.05
N LYS B 22 8.86 23.41 5.23
CA LYS B 22 8.69 24.42 4.21
C LYS B 22 9.63 24.21 3.03
N HIS B 23 10.85 23.77 3.29
CA HIS B 23 11.86 23.76 2.23
C HIS B 23 12.37 22.39 1.78
N TYR B 24 11.95 21.34 2.47
CA TYR B 24 12.43 19.98 2.18
C TYR B 24 11.26 19.05 1.87
N PHE B 25 10.23 19.07 2.71
CA PHE B 25 9.12 18.16 2.51
C PHE B 25 8.11 18.66 1.47
N ILE B 26 7.67 19.88 1.65
CA ILE B 26 6.63 20.45 0.78
C ILE B 26 7.02 20.56 -0.70
N PRO B 27 8.25 21.06 -1.01
CA PRO B 27 8.62 21.12 -2.43
C PRO B 27 8.74 19.73 -3.05
N VAL B 28 9.13 18.74 -2.27
CA VAL B 28 9.16 17.37 -2.79
C VAL B 28 7.74 16.88 -3.10
N LEU B 29 6.81 17.20 -2.21
CA LEU B 29 5.42 16.78 -2.40
C LEU B 29 4.84 17.46 -3.63
N LYS B 30 5.04 18.77 -3.73
CA LYS B 30 4.57 19.52 -4.88
C LYS B 30 5.17 19.03 -6.19
N ALA B 31 6.45 18.65 -6.14
CA ALA B 31 7.10 18.07 -7.31
C ALA B 31 6.48 16.73 -7.69
N HIS B 32 5.96 15.99 -6.71
CA HIS B 32 5.38 14.69 -6.98
C HIS B 32 3.86 14.74 -7.18
N LYS B 33 3.33 15.95 -7.27
CA LYS B 33 1.88 16.15 -7.42
C LYS B 33 1.12 15.53 -6.24
N ILE B 34 1.71 15.63 -5.05
CA ILE B 34 1.09 15.14 -3.83
C ILE B 34 0.43 16.29 -3.08
N SER B 35 -0.87 16.15 -2.82
CA SER B 35 -1.63 17.15 -2.11
C SER B 35 -1.27 17.18 -0.63
N TYR B 36 -1.43 18.33 0.02
CA TYR B 36 -1.26 18.37 1.47
C TYR B 36 -2.24 19.31 2.14
N ILE B 37 -2.45 19.03 3.43
CA ILE B 37 -3.27 19.83 4.30
C ILE B 37 -2.39 20.19 5.50
N ILE B 38 -2.21 21.47 5.76
CA ILE B 38 -1.42 21.89 6.92
C ILE B 38 -2.30 22.35 8.06
N ASP B 39 -2.19 21.66 9.19
CA ASP B 39 -2.90 22.02 10.41
C ASP B 39 -1.98 22.88 11.27
N ASP B 40 -2.25 24.18 11.28
CA ASP B 40 -1.32 25.16 11.85
C ASP B 40 -1.81 25.71 13.19
N HIS B 41 -0.92 25.76 14.17
CA HIS B 41 -1.26 26.27 15.50
C HIS B 41 -0.44 27.48 15.89
N ASN B 42 -0.23 28.40 14.95
CA ASN B 42 0.57 29.59 15.19
C ASN B 42 0.06 30.80 14.43
N SER B 48 -0.45 32.32 10.81
CA SER B 48 -0.35 32.59 9.38
C SER B 48 1.05 32.29 8.86
N GLU B 49 1.76 31.38 9.54
CA GLU B 49 3.11 31.04 9.15
C GLU B 49 3.16 30.33 7.80
N TYR B 50 2.11 29.58 7.50
CA TYR B 50 2.08 28.75 6.29
C TYR B 50 1.23 29.32 5.16
N SER B 51 0.71 30.52 5.35
CA SER B 51 -0.23 31.15 4.42
C SER B 51 0.13 31.07 2.94
N LYS B 52 1.42 31.12 2.62
CA LYS B 52 1.82 31.11 1.21
C LYS B 52 1.93 29.70 0.63
N PHE B 53 1.61 28.70 1.43
CA PHE B 53 1.81 27.31 1.02
C PHE B 53 0.51 26.61 0.58
N GLY B 54 -0.59 27.33 0.67
CA GLY B 54 -1.84 26.81 0.11
C GLY B 54 -3.01 27.73 0.39
N TYR B 55 -4.19 27.30 -0.08
CA TYR B 55 -5.41 28.06 0.17
C TYR B 55 -5.71 28.11 1.66
N ASN B 56 -5.96 29.31 2.16
CA ASN B 56 -6.29 29.49 3.57
C ASN B 56 -7.77 29.19 3.84
N ALA B 57 -8.01 28.02 4.44
CA ALA B 57 -9.38 27.52 4.71
C ALA B 57 -10.10 28.26 5.84
N THR B 58 -11.36 28.60 5.61
CA THR B 58 -12.22 29.16 6.66
C THR B 58 -13.45 28.30 6.93
N SER B 59 -13.57 27.18 6.22
CA SER B 59 -14.66 26.25 6.47
C SER B 59 -14.18 24.84 6.20
N LEU B 60 -14.90 23.86 6.74
CA LEU B 60 -14.58 22.46 6.48
C LEU B 60 -14.60 22.13 4.98
N SER B 61 -15.47 22.80 4.22
CA SER B 61 -15.57 22.57 2.79
C SER B 61 -14.30 22.92 2.04
N ASP B 62 -13.62 23.97 2.47
CA ASP B 62 -12.33 24.37 1.88
C ASP B 62 -11.26 23.27 2.04
N ILE B 63 -11.24 22.63 3.20
CA ILE B 63 -10.28 21.54 3.43
C ILE B 63 -10.50 20.41 2.40
N VAL B 64 -11.77 20.15 2.10
CA VAL B 64 -12.07 19.10 1.14
C VAL B 64 -11.72 19.48 -0.29
N SER B 65 -12.06 20.71 -0.68
CA SER B 65 -12.08 21.05 -2.11
C SER B 65 -10.76 21.57 -2.66
N LYS B 66 -9.97 22.21 -1.81
CA LYS B 66 -8.73 22.86 -2.24
C LYS B 66 -7.54 21.90 -2.23
N GLN B 67 -6.71 21.94 -3.27
CA GLN B 67 -5.61 20.98 -3.40
C GLN B 67 -4.52 21.15 -2.33
N TYR B 68 -4.03 22.37 -2.18
CA TYR B 68 -3.02 22.65 -1.17
C TYR B 68 -3.70 23.57 -0.20
N VAL B 69 -3.80 23.15 1.06
CA VAL B 69 -4.67 23.84 1.96
C VAL B 69 -4.09 23.99 3.37
N VAL B 70 -4.35 25.16 3.96
CA VAL B 70 -3.86 25.52 5.28
C VAL B 70 -5.01 25.80 6.25
N VAL B 71 -4.96 25.17 7.42
CA VAL B 71 -5.99 25.33 8.42
C VAL B 71 -5.46 25.98 9.68
N TYR B 72 -6.01 27.14 10.04
CA TYR B 72 -5.67 27.77 11.32
C TYR B 72 -6.50 27.13 12.43
N ASP B 73 -5.83 26.43 13.33
CA ASP B 73 -6.51 25.69 14.40
C ASP B 73 -6.33 26.40 15.74
N ARG B 74 -7.36 27.13 16.16
CA ARG B 74 -7.30 27.97 17.35
C ARG B 74 -7.15 27.14 18.63
N ASP B 78 -9.93 18.14 21.28
CA ASP B 78 -11.10 17.26 21.26
C ASP B 78 -11.79 17.27 19.91
N ASP B 79 -12.88 18.03 19.84
CA ASP B 79 -13.83 17.96 18.73
C ASP B 79 -13.28 18.29 17.33
N PHE B 80 -12.29 19.17 17.28
CA PHE B 80 -11.80 19.65 15.99
C PHE B 80 -10.99 18.60 15.21
N PHE B 81 -10.13 17.85 15.88
CA PHE B 81 -9.34 16.87 15.16
C PHE B 81 -10.25 15.85 14.47
N GLU B 82 -11.33 15.49 15.15
CA GLU B 82 -12.27 14.56 14.57
C GLU B 82 -12.85 15.13 13.26
N LYS B 83 -13.23 16.41 13.28
CA LYS B 83 -13.77 17.07 12.08
C LYS B 83 -12.70 17.22 11.02
N LEU B 84 -11.50 17.59 11.44
CA LEU B 84 -10.36 17.69 10.53
C LEU B 84 -10.03 16.37 9.86
N TRP B 85 -10.05 15.30 10.64
CA TRP B 85 -9.80 13.96 10.10
C TRP B 85 -10.86 13.54 9.07
N GLN B 86 -12.13 13.78 9.37
CA GLN B 86 -13.18 13.43 8.42
CA GLN B 86 -13.21 13.47 8.44
C GLN B 86 -13.05 14.24 7.12
N ALA B 87 -12.74 15.54 7.24
CA ALA B 87 -12.54 16.36 6.05
C ALA B 87 -11.34 15.90 5.22
N SER B 88 -10.27 15.49 5.91
CA SER B 88 -9.04 15.07 5.21
C SER B 88 -9.24 13.77 4.43
N LYS B 89 -9.97 12.82 5.01
CA LYS B 89 -10.33 11.60 4.32
C LYS B 89 -11.16 11.90 3.07
N LEU B 90 -12.09 12.85 3.19
CA LEU B 90 -12.89 13.27 2.04
C LEU B 90 -12.01 13.96 1.00
N HIS B 91 -11.07 14.78 1.49
CA HIS B 91 -10.11 15.44 0.61
C HIS B 91 -9.31 14.43 -0.22
N SER B 92 -8.83 13.39 0.44
CA SER B 92 -8.00 12.37 -0.20
CA SER B 92 -7.99 12.39 -0.22
C SER B 92 -8.78 11.58 -1.24
N LYS B 93 -10.09 11.44 -1.01
CA LYS B 93 -10.97 10.82 -2.00
C LYS B 93 -10.89 11.62 -3.28
N LYS B 94 -10.79 12.93 -3.15
CA LYS B 94 -10.78 13.82 -4.31
C LYS B 94 -9.42 13.89 -4.96
N TYR B 95 -8.37 13.97 -4.15
CA TYR B 95 -7.04 14.30 -4.66
C TYR B 95 -6.04 13.16 -4.63
N GLY B 96 -6.49 11.97 -4.25
CA GLY B 96 -5.58 10.86 -4.06
C GLY B 96 -4.80 11.02 -2.77
N THR B 97 -3.84 10.13 -2.55
CA THR B 97 -3.13 10.08 -1.27
C THR B 97 -2.58 11.46 -0.88
N THR B 98 -2.90 11.88 0.34
CA THR B 98 -2.62 13.26 0.76
C THR B 98 -1.81 13.26 2.05
N VAL B 99 -0.92 14.23 2.24
CA VAL B 99 -0.20 14.31 3.50
C VAL B 99 -0.85 15.34 4.44
N LEU B 100 -1.24 14.90 5.63
CA LEU B 100 -1.71 15.81 6.67
C LEU B 100 -0.51 16.23 7.55
N ILE B 101 -0.20 17.52 7.50
CA ILE B 101 0.93 18.08 8.21
C ILE B 101 0.45 18.81 9.46
N ILE B 102 0.89 18.33 10.62
CA ILE B 102 0.47 18.92 11.89
C ILE B 102 1.68 19.53 12.59
N ASP B 103 1.85 20.85 12.42
CA ASP B 103 3.02 21.53 12.97
C ASP B 103 2.73 22.02 14.36
N GLU B 104 3.45 21.43 15.32
CA GLU B 104 3.06 21.34 16.72
C GLU B 104 1.88 20.38 16.74
N ALA B 105 2.20 19.09 16.87
CA ALA B 105 1.19 18.09 17.09
C ALA B 105 0.85 18.23 18.56
N TYR B 106 1.13 17.20 19.34
CA TYR B 106 1.13 17.29 20.81
C TYR B 106 -0.15 17.82 21.48
N TYR B 107 -0.93 18.62 20.76
CA TYR B 107 -2.28 18.96 21.22
C TYR B 107 -3.18 17.76 20.99
N HIS B 108 -2.77 16.87 20.08
CA HIS B 108 -3.59 15.75 19.65
C HIS B 108 -2.94 14.40 19.95
N PHE B 109 -1.64 14.39 20.18
CA PHE B 109 -0.89 13.14 20.24
C PHE B 109 -0.03 13.08 21.50
N LYS B 110 -0.49 13.76 22.54
CA LYS B 110 0.29 13.95 23.75
C LYS B 110 0.51 12.68 24.57
N TYR B 111 1.71 12.54 25.13
CA TYR B 111 2.00 11.46 26.07
C TYR B 111 0.96 11.40 27.19
N LYS B 112 0.48 10.19 27.48
CA LYS B 112 -0.51 9.90 28.54
C LYS B 112 -1.95 10.26 28.17
N GLN B 113 -2.15 10.71 26.94
CA GLN B 113 -3.48 11.13 26.50
C GLN B 113 -4.28 9.91 26.03
N LYS B 114 -5.60 10.02 26.03
CA LYS B 114 -6.46 8.93 25.54
C LYS B 114 -6.31 8.85 24.03
N VAL B 115 -6.71 7.74 23.44
CA VAL B 115 -6.65 7.58 21.99
C VAL B 115 -8.07 7.39 21.45
N THR B 116 -8.56 8.42 20.76
CA THR B 116 -9.89 8.39 20.15
C THR B 116 -9.86 7.55 18.90
N PRO B 117 -11.03 7.13 18.39
CA PRO B 117 -11.07 6.44 17.10
C PRO B 117 -10.33 7.15 15.95
N ALA B 118 -10.44 8.46 15.86
CA ALA B 118 -9.74 9.21 14.78
C ALA B 118 -8.22 9.19 14.88
N ILE B 119 -7.72 9.47 16.09
CA ILE B 119 -6.28 9.42 16.34
C ILE B 119 -5.74 8.02 16.07
N ASP B 120 -6.52 7.00 16.45
CA ASP B 120 -6.11 5.64 16.18
C ASP B 120 -6.04 5.35 14.69
N GLU B 121 -6.98 5.87 13.91
CA GLU B 121 -6.92 5.74 12.45
C GLU B 121 -5.69 6.41 11.86
N ALA B 122 -5.38 7.59 12.37
CA ALA B 122 -4.25 8.37 11.88
C ALA B 122 -2.92 7.67 12.14
N LEU B 123 -2.87 6.80 13.15
CA LEU B 123 -1.61 6.13 13.48
C LEU B 123 -1.50 4.73 12.88
N HIS B 124 -2.64 4.15 12.52
CA HIS B 124 -2.70 2.74 12.14
C HIS B 124 -3.33 2.46 10.77
N ALA B 125 -4.20 3.36 10.31
CA ALA B 125 -4.95 3.09 9.08
C ALA B 125 -4.72 4.15 8.02
N ASN B 126 -3.53 4.76 8.04
CA ASN B 126 -3.14 5.82 7.11
C ASN B 126 -3.32 5.46 5.67
N ARG B 127 -2.77 4.31 5.29
CA ARG B 127 -2.78 3.89 3.90
C ARG B 127 -4.20 3.69 3.45
N HIS B 128 -5.01 3.10 4.32
CA HIS B 128 -6.41 2.85 3.99
C HIS B 128 -7.21 4.15 3.87
N ALA B 129 -6.85 5.14 4.69
CA ALA B 129 -7.55 6.41 4.71
C ALA B 129 -7.02 7.33 3.62
N GLY B 130 -5.92 6.93 2.99
CA GLY B 130 -5.28 7.74 1.97
C GLY B 130 -4.58 8.97 2.52
N LEU B 131 -4.05 8.85 3.75
CA LEU B 131 -3.48 10.00 4.43
C LEU B 131 -2.14 9.70 5.07
N GLY B 132 -1.10 10.36 4.58
CA GLY B 132 0.19 10.39 5.23
C GLY B 132 0.15 11.45 6.33
N LEU B 133 1.16 11.42 7.19
CA LEU B 133 1.16 12.29 8.36
C LEU B 133 2.57 12.82 8.57
N ILE B 134 2.68 14.12 8.81
CA ILE B 134 3.91 14.72 9.31
C ILE B 134 3.56 15.39 10.64
N LEU B 135 4.15 14.90 11.72
CA LEU B 135 3.89 15.43 13.05
C LEU B 135 5.15 16.09 13.57
N SER B 136 5.07 17.32 14.06
CA SER B 136 6.25 17.97 14.63
C SER B 136 6.05 18.22 16.11
N THR B 137 7.12 18.10 16.89
CA THR B 137 7.04 18.36 18.31
C THR B 137 8.38 18.87 18.82
N GLN B 138 8.39 19.49 19.98
CA GLN B 138 9.63 20.10 20.52
C GLN B 138 10.52 19.12 21.29
N ARG B 139 9.92 18.30 22.14
CA ARG B 139 10.67 17.31 22.91
C ARG B 139 10.15 15.92 22.59
N VAL B 140 11.04 14.93 22.53
CA VAL B 140 10.62 13.55 22.21
C VAL B 140 9.51 13.08 23.14
N TYR B 141 9.64 13.38 24.42
CA TYR B 141 8.65 12.93 25.39
C TYR B 141 7.33 13.69 25.39
N ASP B 142 7.12 14.60 24.43
CA ASP B 142 5.85 15.29 24.33
C ASP B 142 4.76 14.37 23.81
N LEU B 143 5.16 13.42 22.96
CA LEU B 143 4.21 12.55 22.25
C LEU B 143 4.14 11.15 22.83
N MET B 144 3.01 10.47 22.60
CA MET B 144 2.86 9.10 23.10
C MET B 144 3.84 8.18 22.39
N PRO B 145 4.48 7.27 23.15
CA PRO B 145 5.41 6.29 22.58
C PRO B 145 4.89 5.58 21.33
N ILE B 146 3.58 5.29 21.24
CA ILE B 146 3.07 4.55 20.07
C ILE B 146 3.26 5.35 18.78
N VAL B 147 3.35 6.66 18.90
CA VAL B 147 3.63 7.49 17.73
C VAL B 147 4.99 7.07 17.15
N TYR B 148 6.00 6.86 17.99
CA TYR B 148 7.31 6.42 17.49
C TYR B 148 7.33 4.98 16.95
N LYS B 149 6.52 4.11 17.56
CA LYS B 149 6.45 2.72 17.10
C LYS B 149 5.76 2.66 15.75
N GLN B 150 4.80 3.57 15.51
CA GLN B 150 4.05 3.56 14.24
C GLN B 150 4.67 4.40 13.12
N ALA B 151 5.68 5.19 13.47
CA ALA B 151 6.30 6.08 12.48
C ALA B 151 7.12 5.30 11.46
N ASP B 152 7.22 5.85 10.26
CA ASP B 152 8.08 5.29 9.22
C ASP B 152 9.43 5.98 9.20
N LEU B 153 9.45 7.26 9.58
CA LEU B 153 10.69 8.04 9.60
C LEU B 153 10.61 8.98 10.79
N ILE B 154 11.71 9.11 11.51
CA ILE B 154 11.78 10.02 12.64
C ILE B 154 13.01 10.87 12.43
N ILE B 155 12.83 12.19 12.52
CA ILE B 155 13.89 13.15 12.25
C ILE B 155 14.11 13.90 13.54
N MET B 156 15.38 14.03 13.93
CA MET B 156 15.75 14.59 15.22
C MET B 156 16.86 15.62 15.11
N PHE B 157 16.68 16.77 15.75
CA PHE B 157 17.73 17.79 15.85
C PHE B 157 18.47 17.64 17.17
N TYR B 158 19.49 18.46 17.39
CA TYR B 158 20.34 18.34 18.58
C TYR B 158 19.59 18.23 19.91
N THR B 159 20.01 17.30 20.76
CA THR B 159 19.62 17.34 22.17
C THR B 159 20.55 16.55 23.06
N ARG B 160 20.71 17.00 24.30
CA ARG B 160 21.44 16.24 25.32
C ARG B 160 20.64 16.15 26.61
N GLU B 161 19.36 16.50 26.54
CA GLU B 161 18.51 16.40 27.72
C GLU B 161 18.33 14.91 28.08
N PRO B 162 18.70 14.52 29.31
CA PRO B 162 18.80 13.10 29.69
C PRO B 162 17.50 12.30 29.53
N ASN B 163 16.36 12.89 29.87
CA ASN B 163 15.08 12.20 29.66
C ASN B 163 14.77 12.02 28.17
N GLU B 164 15.15 12.99 27.35
CA GLU B 164 14.97 12.86 25.91
C GLU B 164 15.84 11.72 25.39
N LEU B 165 17.10 11.68 25.83
CA LEU B 165 18.04 10.63 25.40
C LEU B 165 17.53 9.24 25.80
N ARG B 166 16.98 9.17 27.00
CA ARG B 166 16.40 7.92 27.51
C ARG B 166 15.24 7.44 26.64
N TRP B 167 14.35 8.36 26.27
CA TRP B 167 13.23 8.05 25.38
C TRP B 167 13.70 7.61 24.00
N ILE B 168 14.67 8.34 23.42
CA ILE B 168 15.18 7.97 22.10
C ILE B 168 15.76 6.55 22.13
N SER B 169 16.56 6.27 23.16
CA SER B 169 17.16 4.94 23.30
C SER B 169 16.10 3.86 23.41
N LYS B 170 15.07 4.13 24.22
CA LYS B 170 14.04 3.15 24.48
C LYS B 170 13.07 2.91 23.30
N TYR B 171 12.62 3.97 22.67
CA TYR B 171 11.54 3.86 21.70
C TYR B 171 11.98 4.02 20.26
N ILE B 172 13.22 4.45 20.05
CA ILE B 172 13.69 4.71 18.70
C ILE B 172 14.92 3.88 18.37
N SER B 173 16.06 4.26 18.95
CA SER B 173 17.34 3.61 18.64
C SER B 173 18.41 4.06 19.62
N ALA B 174 19.18 3.12 20.16
CA ALA B 174 20.29 3.48 21.04
C ALA B 174 21.36 4.29 20.30
N GLU B 175 21.61 3.93 19.04
CA GLU B 175 22.62 4.64 18.25
C GLU B 175 22.19 6.08 17.93
N ALA B 176 20.90 6.28 17.66
CA ALA B 176 20.39 7.61 17.40
C ALA B 176 20.59 8.50 18.62
N ALA B 177 20.32 7.94 19.79
CA ALA B 177 20.46 8.67 21.06
C ALA B 177 21.89 9.13 21.27
N GLU B 178 22.84 8.37 20.72
CA GLU B 178 24.24 8.78 20.78
C GLU B 178 24.53 9.88 19.78
N LYS B 179 24.02 9.71 18.56
CA LYS B 179 24.37 10.61 17.47
C LYS B 179 23.65 11.95 17.56
N VAL B 180 22.51 11.98 18.22
CA VAL B 180 21.74 13.21 18.38
C VAL B 180 22.54 14.22 19.24
N LYS B 181 23.40 13.69 20.10
CA LYS B 181 24.15 14.51 21.04
C LYS B 181 25.17 15.44 20.39
N THR B 182 25.61 15.12 19.18
CA THR B 182 26.65 15.93 18.54
C THR B 182 26.21 16.65 17.27
N LEU B 183 24.91 16.71 17.01
CA LEU B 183 24.41 17.45 15.84
C LEU B 183 24.68 18.95 15.95
N LYS B 184 25.25 19.54 14.91
CA LYS B 184 25.48 20.96 14.87
C LYS B 184 24.22 21.69 14.43
N GLN B 185 24.26 23.02 14.41
CA GLN B 185 23.06 23.80 14.14
C GLN B 185 22.46 23.46 12.78
N TYR B 186 21.16 23.19 12.76
CA TYR B 186 20.38 22.90 11.55
C TYR B 186 20.73 21.55 10.90
N HIS B 187 21.69 20.84 11.50
CA HIS B 187 21.97 19.45 11.12
C HIS B 187 20.90 18.57 11.74
N PHE B 188 20.54 17.47 11.08
CA PHE B 188 19.51 16.59 11.64
C PHE B 188 19.71 15.13 11.31
N LEU B 189 19.24 14.27 12.21
CA LEU B 189 19.39 12.83 12.04
C LEU B 189 18.07 12.29 11.49
N ILE B 190 18.18 11.43 10.48
CA ILE B 190 17.02 10.75 9.90
C ILE B 190 17.08 9.29 10.28
N TYR B 191 16.12 8.82 11.07
CA TYR B 191 16.00 7.41 11.41
C TYR B 191 14.90 6.76 10.59
N ASP B 192 15.28 5.81 9.74
CA ASP B 192 14.33 5.02 8.98
C ASP B 192 13.87 3.87 9.86
N VAL B 193 12.65 3.97 10.37
CA VAL B 193 12.12 2.99 11.32
C VAL B 193 12.02 1.60 10.71
N ASN B 194 11.85 1.54 9.39
CA ASN B 194 11.67 0.26 8.73
C ASN B 194 12.98 -0.44 8.44
N SER B 195 13.90 0.27 7.79
CA SER B 195 15.20 -0.29 7.48
C SER B 195 16.16 -0.24 8.68
N GLN B 196 15.75 0.46 9.75
CA GLN B 196 16.59 0.57 10.94
C GLN B 196 17.92 1.29 10.68
N THR B 197 17.93 2.22 9.73
CA THR B 197 19.15 2.94 9.35
C THR B 197 19.18 4.39 9.86
N ILE B 198 20.39 4.96 9.88
CA ILE B 198 20.60 6.31 10.37
C ILE B 198 21.42 7.13 9.39
N LYS B 199 20.92 8.31 9.02
CA LYS B 199 21.67 9.24 8.19
C LYS B 199 21.81 10.57 8.92
N ILE B 200 22.99 11.17 8.83
CA ILE B 200 23.21 12.49 9.38
C ILE B 200 23.16 13.50 8.25
N HIS B 201 22.13 14.34 8.23
CA HIS B 201 21.90 15.26 7.12
C HIS B 201 22.44 16.66 7.43
N LYS B 202 23.12 17.26 6.45
CA LYS B 202 23.60 18.64 6.57
C LYS B 202 22.39 19.58 6.55
N PRO B 203 22.60 20.86 6.94
CA PRO B 203 21.49 21.81 6.86
C PRO B 203 20.91 21.93 5.46
N ILE B 204 19.59 22.06 5.36
CA ILE B 204 18.94 22.34 4.08
C ILE B 204 19.42 23.67 3.54
N LEU B 205 19.68 23.73 2.23
CA LEU B 205 20.08 24.99 1.59
C LEU B 205 19.02 25.44 0.58
N MET C 1 -15.49 -18.47 14.05
CA MET C 1 -14.52 -17.99 15.03
C MET C 1 -13.12 -18.51 14.73
N ASN C 2 -12.13 -17.67 15.03
CA ASN C 2 -10.73 -17.97 14.76
C ASN C 2 -10.01 -18.00 16.08
N PRO C 3 -8.99 -18.84 16.21
CA PRO C 3 -8.32 -18.93 17.51
C PRO C 3 -7.66 -17.63 17.91
N ASP C 4 -7.25 -16.81 16.95
CA ASP C 4 -6.62 -15.55 17.31
C ASP C 4 -7.51 -14.34 17.09
N ASP C 5 -8.83 -14.51 17.20
CA ASP C 5 -9.77 -13.37 17.17
C ASP C 5 -9.69 -12.54 18.45
N ILE C 6 -10.09 -11.28 18.35
CA ILE C 6 -10.37 -10.48 19.54
C ILE C 6 -11.88 -10.55 19.75
N VAL C 7 -12.27 -11.07 20.91
CA VAL C 7 -13.69 -11.17 21.25
C VAL C 7 -13.97 -10.33 22.48
N VAL C 8 -14.94 -9.43 22.38
CA VAL C 8 -15.37 -8.66 23.54
C VAL C 8 -16.73 -9.15 24.03
N LEU C 9 -16.83 -9.33 25.35
CA LEU C 9 -18.06 -9.81 25.96
C LEU C 9 -18.58 -8.77 26.93
N VAL C 10 -19.83 -8.33 26.73
CA VAL C 10 -20.43 -7.33 27.60
C VAL C 10 -21.66 -7.93 28.25
N GLY C 11 -21.74 -7.81 29.58
CA GLY C 11 -22.84 -8.40 30.31
C GLY C 11 -22.60 -8.27 31.80
N ARG C 12 -23.66 -7.98 32.56
CA ARG C 12 -23.52 -7.76 34.00
C ARG C 12 -23.58 -9.07 34.76
N LYS C 13 -23.38 -8.99 36.08
CA LYS C 13 -23.54 -10.16 36.94
C LYS C 13 -24.91 -10.81 36.69
N LYS C 14 -24.90 -12.14 36.65
CA LYS C 14 -26.09 -12.96 36.49
C LYS C 14 -26.70 -12.88 35.08
N SER C 15 -26.03 -12.23 34.15
CA SER C 15 -26.55 -12.12 32.79
C SER C 15 -26.42 -13.44 32.03
N GLY C 16 -25.50 -14.30 32.45
CA GLY C 16 -25.15 -15.48 31.67
C GLY C 16 -23.79 -15.33 31.01
N LYS C 17 -23.19 -14.16 31.16
CA LYS C 17 -21.90 -13.91 30.53
C LYS C 17 -20.78 -14.78 31.10
N SER C 18 -20.64 -14.83 32.43
CA SER C 18 -19.55 -15.65 32.98
C SER C 18 -19.78 -17.14 32.73
N TYR C 19 -21.05 -17.53 32.66
CA TYR C 19 -21.43 -18.88 32.30
C TYR C 19 -20.97 -19.21 30.86
N LEU C 20 -21.07 -18.24 29.97
CA LEU C 20 -20.60 -18.40 28.59
C LEU C 20 -19.08 -18.63 28.52
N ILE C 21 -18.33 -17.84 29.28
CA ILE C 21 -16.88 -18.00 29.34
C ILE C 21 -16.50 -19.39 29.88
N LYS C 22 -17.15 -19.79 30.97
CA LYS C 22 -16.75 -20.98 31.69
C LYS C 22 -17.25 -22.27 31.04
N HIS C 23 -18.43 -22.21 30.43
CA HIS C 23 -19.06 -23.42 29.90
C HIS C 23 -19.09 -23.49 28.38
N TYR C 24 -18.70 -22.40 27.73
CA TYR C 24 -18.53 -22.49 26.29
C TYR C 24 -17.09 -22.22 25.87
N PHE C 25 -16.59 -21.02 26.12
CA PHE C 25 -15.28 -20.65 25.58
C PHE C 25 -14.15 -21.54 26.10
N ILE C 26 -14.02 -21.63 27.42
CA ILE C 26 -12.92 -22.42 28.01
C ILE C 26 -12.89 -23.89 27.57
N PRO C 27 -14.05 -24.60 27.63
CA PRO C 27 -14.02 -25.99 27.15
C PRO C 27 -13.82 -26.11 25.65
N VAL C 28 -14.32 -25.17 24.86
CA VAL C 28 -14.12 -25.24 23.42
C VAL C 28 -12.65 -25.01 23.04
N LEU C 29 -12.01 -24.05 23.69
CA LEU C 29 -10.56 -23.88 23.52
C LEU C 29 -9.83 -25.16 23.92
N LYS C 30 -10.16 -25.71 25.09
CA LYS C 30 -9.49 -26.93 25.55
C LYS C 30 -9.70 -28.09 24.59
N ALA C 31 -10.92 -28.22 24.06
CA ALA C 31 -11.24 -29.30 23.13
C ALA C 31 -10.47 -29.22 21.79
N HIS C 32 -10.03 -28.01 21.42
CA HIS C 32 -9.26 -27.83 20.19
C HIS C 32 -7.78 -27.72 20.52
N LYS C 33 -7.43 -28.06 21.76
CA LYS C 33 -6.05 -28.00 22.25
C LYS C 33 -5.41 -26.63 22.08
N ILE C 34 -6.22 -25.59 22.24
CA ILE C 34 -5.72 -24.23 22.15
C ILE C 34 -5.43 -23.72 23.56
N SER C 35 -4.23 -23.21 23.75
CA SER C 35 -3.75 -22.77 25.06
C SER C 35 -4.46 -21.49 25.52
N TYR C 36 -4.63 -21.33 26.83
CA TYR C 36 -5.15 -20.06 27.35
C TYR C 36 -4.47 -19.58 28.62
N ILE C 37 -4.47 -18.27 28.78
CA ILE C 37 -4.00 -17.60 29.99
C ILE C 37 -5.19 -16.78 30.49
N ILE C 38 -5.56 -16.98 31.75
CA ILE C 38 -6.69 -16.25 32.33
C ILE C 38 -6.17 -15.21 33.32
N ASP C 39 -6.50 -13.95 33.03
CA ASP C 39 -6.12 -12.84 33.90
C ASP C 39 -7.31 -12.51 34.81
N ASP C 40 -7.21 -12.88 36.08
CA ASP C 40 -8.34 -12.79 37.01
C ASP C 40 -8.10 -11.72 38.09
N HIS C 41 -8.98 -10.73 38.15
CA HIS C 41 -8.84 -9.69 39.17
C HIS C 41 -9.23 -10.22 40.55
N SER C 48 -9.27 -17.11 41.29
CA SER C 48 -10.07 -17.76 42.33
C SER C 48 -11.38 -18.30 41.78
N GLU C 49 -12.05 -17.49 40.96
CA GLU C 49 -13.24 -17.94 40.26
C GLU C 49 -12.90 -19.02 39.23
N TYR C 50 -11.68 -18.93 38.70
CA TYR C 50 -11.22 -19.76 37.60
C TYR C 50 -10.16 -20.80 37.99
N SER C 51 -9.97 -21.01 39.29
CA SER C 51 -8.93 -21.90 39.81
C SER C 51 -8.89 -23.27 39.14
N LYS C 52 -10.04 -23.80 38.75
CA LYS C 52 -10.10 -25.16 38.23
C LYS C 52 -9.67 -25.27 36.78
N PHE C 53 -9.49 -24.14 36.11
CA PHE C 53 -9.26 -24.16 34.67
C PHE C 53 -7.78 -24.14 34.25
N GLY C 54 -6.88 -24.00 35.22
CA GLY C 54 -5.47 -24.12 34.94
C GLY C 54 -4.56 -23.97 36.14
N TYR C 55 -3.25 -23.93 35.89
CA TYR C 55 -2.30 -23.77 36.96
C TYR C 55 -2.46 -22.37 37.55
N ASN C 56 -2.62 -22.29 38.87
CA ASN C 56 -2.70 -20.99 39.54
C ASN C 56 -1.33 -20.39 39.80
N ALA C 57 -0.95 -19.46 38.93
CA ALA C 57 0.38 -18.90 38.87
C ALA C 57 0.69 -18.04 40.08
N THR C 58 1.94 -18.11 40.53
CA THR C 58 2.39 -17.28 41.63
C THR C 58 3.19 -16.11 41.06
N SER C 59 3.82 -16.35 39.93
CA SER C 59 4.59 -15.31 39.24
C SER C 59 4.36 -15.38 37.74
N LEU C 60 4.90 -14.40 37.01
CA LEU C 60 4.74 -14.33 35.58
C LEU C 60 5.56 -15.38 34.83
N SER C 61 6.64 -15.87 35.44
CA SER C 61 7.42 -16.92 34.79
C SER C 61 6.57 -18.16 34.60
N ASP C 62 5.65 -18.38 35.53
CA ASP C 62 4.72 -19.51 35.44
C ASP C 62 3.88 -19.44 34.16
N ILE C 63 3.61 -18.22 33.69
CA ILE C 63 2.83 -18.04 32.48
C ILE C 63 3.51 -18.71 31.28
N VAL C 64 4.83 -18.55 31.21
CA VAL C 64 5.61 -19.09 30.10
C VAL C 64 5.78 -20.61 30.16
N SER C 65 5.77 -21.17 31.37
CA SER C 65 6.06 -22.60 31.53
C SER C 65 4.81 -23.49 31.66
N LYS C 66 3.63 -22.88 31.61
CA LYS C 66 2.39 -23.64 31.80
C LYS C 66 1.39 -23.45 30.66
N GLN C 67 0.85 -24.56 30.17
CA GLN C 67 -0.03 -24.53 29.01
C GLN C 67 -1.37 -23.84 29.31
N TYR C 68 -2.01 -24.24 30.40
CA TYR C 68 -3.24 -23.62 30.86
C TYR C 68 -2.97 -22.97 32.21
N VAL C 69 -3.14 -21.66 32.27
CA VAL C 69 -2.70 -20.92 33.44
C VAL C 69 -3.66 -19.79 33.83
N VAL C 70 -3.77 -19.57 35.14
CA VAL C 70 -4.58 -18.51 35.71
C VAL C 70 -3.68 -17.55 36.48
N VAL C 71 -3.76 -16.26 36.13
CA VAL C 71 -2.97 -15.25 36.81
C VAL C 71 -3.83 -14.32 37.65
N TYR C 72 -3.41 -14.08 38.90
CA TYR C 72 -4.13 -13.18 39.80
C TYR C 72 -3.66 -11.73 39.63
N ASP C 73 -4.51 -10.91 39.01
CA ASP C 73 -4.16 -9.52 38.72
C ASP C 73 -4.68 -8.63 39.84
N ARG C 74 -3.91 -8.52 40.91
CA ARG C 74 -4.38 -7.87 42.13
C ARG C 74 -3.61 -6.59 42.46
N ASP C 79 2.60 -1.03 35.40
CA ASP C 79 3.33 -1.71 34.34
C ASP C 79 3.00 -3.20 34.29
N PHE C 80 1.94 -3.62 34.96
CA PHE C 80 1.64 -5.06 35.00
C PHE C 80 1.19 -5.61 33.64
N PHE C 81 0.31 -4.89 32.94
CA PHE C 81 -0.14 -5.39 31.63
C PHE C 81 1.01 -5.62 30.64
N GLU C 82 1.97 -4.69 30.58
CA GLU C 82 3.14 -4.84 29.72
C GLU C 82 3.88 -6.14 30.02
N LYS C 83 4.03 -6.44 31.31
CA LYS C 83 4.75 -7.64 31.71
C LYS C 83 3.92 -8.89 31.39
N LEU C 84 2.61 -8.78 31.63
CA LEU C 84 1.66 -9.83 31.31
C LEU C 84 1.67 -10.15 29.82
N TRP C 85 1.67 -9.08 29.02
CA TRP C 85 1.65 -9.20 27.57
C TRP C 85 2.95 -9.81 27.06
N GLN C 86 4.08 -9.36 27.58
CA GLN C 86 5.36 -9.93 27.19
C GLN C 86 5.46 -11.43 27.52
N ALA C 87 5.06 -11.79 28.75
CA ALA C 87 5.08 -13.19 29.15
C ALA C 87 4.16 -14.00 28.26
N SER C 88 3.00 -13.43 27.92
CA SER C 88 2.01 -14.09 27.07
C SER C 88 2.54 -14.33 25.66
N LYS C 89 3.29 -13.37 25.11
CA LYS C 89 3.93 -13.56 23.79
C LYS C 89 4.97 -14.69 23.77
N LEU C 90 5.84 -14.74 24.78
CA LEU C 90 6.74 -15.88 24.97
C LEU C 90 5.98 -17.19 25.08
N HIS C 91 4.91 -17.18 25.89
CA HIS C 91 4.06 -18.34 26.03
C HIS C 91 3.57 -18.85 24.67
N SER C 92 3.10 -17.94 23.82
CA SER C 92 2.57 -18.32 22.50
CA SER C 92 2.56 -18.33 22.51
C SER C 92 3.66 -18.85 21.58
N LYS C 93 4.88 -18.35 21.75
CA LYS C 93 6.00 -18.86 20.96
C LYS C 93 6.27 -20.32 21.30
N LYS C 94 6.00 -20.67 22.55
CA LYS C 94 6.23 -22.00 23.07
C LYS C 94 5.07 -22.93 22.74
N TYR C 95 3.85 -22.47 23.01
CA TYR C 95 2.66 -23.33 22.95
C TYR C 95 1.80 -23.20 21.68
N GLY C 96 2.11 -22.24 20.82
CA GLY C 96 1.28 -22.00 19.65
C GLY C 96 0.21 -20.98 20.00
N THR C 97 -0.70 -20.71 19.05
CA THR C 97 -1.73 -19.70 19.24
C THR C 97 -2.43 -19.87 20.59
N THR C 98 -2.44 -18.80 21.36
CA THR C 98 -2.95 -18.84 22.72
C THR C 98 -4.02 -17.77 22.89
N VAL C 99 -5.01 -18.01 23.75
CA VAL C 99 -5.99 -16.97 24.03
C VAL C 99 -5.79 -16.36 25.42
N LEU C 100 -5.61 -15.04 25.45
CA LEU C 100 -5.55 -14.28 26.70
C LEU C 100 -6.94 -13.79 27.04
N ILE C 101 -7.47 -14.31 28.15
CA ILE C 101 -8.81 -14.03 28.65
C ILE C 101 -8.73 -13.09 29.84
N ILE C 102 -9.29 -11.89 29.68
CA ILE C 102 -9.22 -10.88 30.73
C ILE C 102 -10.60 -10.70 31.35
N ASP C 103 -10.75 -11.17 32.59
CA ASP C 103 -12.04 -11.27 33.25
C ASP C 103 -12.68 -9.91 33.50
N GLU C 104 -11.86 -8.94 33.85
CA GLU C 104 -12.35 -7.57 34.02
C GLU C 104 -11.47 -6.62 33.22
N ALA C 105 -11.79 -6.45 31.95
CA ALA C 105 -10.90 -5.70 31.05
C ALA C 105 -10.83 -4.21 31.35
N TYR C 106 -11.79 -3.67 32.08
CA TYR C 106 -11.75 -2.24 32.36
C TYR C 106 -10.49 -1.84 33.15
N TYR C 107 -9.83 -2.77 33.82
CA TYR C 107 -8.61 -2.42 34.52
C TYR C 107 -7.45 -2.02 33.60
N HIS C 108 -7.40 -2.62 32.41
CA HIS C 108 -6.29 -2.36 31.48
C HIS C 108 -6.70 -1.67 30.18
N PHE C 109 -7.99 -1.61 29.92
CA PHE C 109 -8.52 -1.03 28.67
C PHE C 109 -9.59 0.00 28.96
N LYS C 110 -9.41 0.74 30.05
CA LYS C 110 -10.42 1.66 30.58
C LYS C 110 -10.71 2.84 29.64
N TYR C 111 -11.97 3.23 29.54
CA TYR C 111 -12.33 4.45 28.81
C TYR C 111 -11.52 5.64 29.34
N LYS C 112 -10.92 6.39 28.40
CA LYS C 112 -10.12 7.62 28.67
C LYS C 112 -8.71 7.35 29.19
N GLN C 113 -8.34 6.09 29.26
CA GLN C 113 -7.00 5.70 29.70
C GLN C 113 -6.01 5.84 28.54
N LYS C 114 -4.71 5.98 28.84
CA LYS C 114 -3.69 6.07 27.79
C LYS C 114 -3.53 4.71 27.12
N VAL C 115 -2.92 4.70 25.94
CA VAL C 115 -2.64 3.46 25.25
C VAL C 115 -1.12 3.24 25.20
N THR C 116 -0.64 2.24 25.94
CA THR C 116 0.76 1.88 25.96
C THR C 116 1.09 1.09 24.70
N PRO C 117 2.39 0.88 24.42
CA PRO C 117 2.70 0.00 23.29
C PRO C 117 2.13 -1.40 23.46
N ALA C 118 2.05 -1.91 24.69
CA ALA C 118 1.50 -3.26 24.88
C ALA C 118 0.01 -3.31 24.52
N ILE C 119 -0.75 -2.35 25.02
CA ILE C 119 -2.17 -2.24 24.69
C ILE C 119 -2.40 -2.11 23.19
N ASP C 120 -1.53 -1.32 22.57
CA ASP C 120 -1.66 -1.02 21.15
C ASP C 120 -1.38 -2.28 20.34
N GLU C 121 -0.40 -3.05 20.79
CA GLU C 121 -0.06 -4.29 20.10
C GLU C 121 -1.20 -5.27 20.27
N ALA C 122 -1.80 -5.25 21.45
CA ALA C 122 -2.92 -6.15 21.73
C ALA C 122 -4.09 -5.86 20.79
N LEU C 123 -4.30 -4.59 20.49
CA LEU C 123 -5.45 -4.18 19.70
C LEU C 123 -5.23 -4.15 18.19
N HIS C 124 -3.96 -4.05 17.77
CA HIS C 124 -3.68 -3.89 16.34
C HIS C 124 -2.81 -4.97 15.74
N ALA C 125 -2.17 -5.77 16.57
CA ALA C 125 -1.19 -6.74 16.07
C ALA C 125 -1.23 -8.05 16.84
N ASN C 126 -2.42 -8.42 17.33
CA ASN C 126 -2.53 -9.61 18.15
C ASN C 126 -2.29 -10.90 17.37
N ARG C 127 -2.67 -10.93 16.10
CA ARG C 127 -2.50 -12.16 15.33
C ARG C 127 -1.01 -12.38 15.10
N HIS C 128 -0.32 -11.29 14.78
CA HIS C 128 1.13 -11.36 14.62
C HIS C 128 1.80 -11.85 15.90
N ALA C 129 1.26 -11.43 17.04
CA ALA C 129 1.78 -11.85 18.34
C ALA C 129 1.38 -13.28 18.74
N GLY C 130 0.49 -13.89 17.97
CA GLY C 130 0.04 -15.24 18.26
C GLY C 130 -0.94 -15.33 19.42
N LEU C 131 -1.66 -14.23 19.69
CA LEU C 131 -2.56 -14.18 20.83
C LEU C 131 -3.97 -13.75 20.42
N GLY C 132 -4.94 -14.62 20.70
CA GLY C 132 -6.33 -14.19 20.65
C GLY C 132 -6.60 -13.47 21.97
N LEU C 133 -7.70 -12.74 22.04
CA LEU C 133 -8.03 -12.04 23.26
C LEU C 133 -9.50 -12.20 23.52
N ILE C 134 -9.84 -12.45 24.78
CA ILE C 134 -11.24 -12.33 25.20
C ILE C 134 -11.30 -11.25 26.26
N LEU C 135 -12.01 -10.16 25.95
CA LEU C 135 -12.06 -9.01 26.86
C LEU C 135 -13.45 -8.95 27.43
N SER C 136 -13.56 -9.21 28.73
CA SER C 136 -14.90 -9.25 29.37
C SER C 136 -15.17 -7.98 30.18
N THR C 137 -16.38 -7.46 30.10
CA THR C 137 -16.71 -6.24 30.83
C THR C 137 -18.17 -6.20 31.26
N GLN C 138 -18.50 -5.39 32.26
CA GLN C 138 -19.89 -5.36 32.74
C GLN C 138 -20.80 -4.41 31.96
N ARG C 139 -20.28 -3.22 31.62
CA ARG C 139 -21.06 -2.23 30.88
C ARG C 139 -20.27 -1.82 29.63
N VAL C 140 -20.97 -1.57 28.53
CA VAL C 140 -20.29 -1.23 27.28
C VAL C 140 -19.37 -0.01 27.43
N TYR C 141 -19.78 0.97 28.24
CA TYR C 141 -19.04 2.21 28.33
C TYR C 141 -17.82 2.13 29.28
N ASP C 142 -17.51 0.95 29.80
CA ASP C 142 -16.36 0.81 30.69
C ASP C 142 -15.05 0.86 29.91
N LEU C 143 -15.10 0.53 28.62
CA LEU C 143 -13.89 0.34 27.80
C LEU C 143 -13.70 1.43 26.78
N MET C 144 -12.45 1.71 26.39
CA MET C 144 -12.20 2.72 25.37
C MET C 144 -12.83 2.30 24.04
N PRO C 145 -13.45 3.26 23.33
CA PRO C 145 -14.14 2.97 22.08
C PRO C 145 -13.27 2.21 21.07
N ILE C 146 -11.95 2.37 21.12
CA ILE C 146 -11.12 1.69 20.12
C ILE C 146 -11.16 0.18 20.30
N VAL C 147 -11.50 -0.28 21.50
CA VAL C 147 -11.61 -1.71 21.73
C VAL C 147 -12.71 -2.27 20.83
N TYR C 148 -13.84 -1.57 20.76
CA TYR C 148 -14.95 -2.01 19.91
C TYR C 148 -14.65 -1.85 18.43
N LYS C 149 -13.82 -0.89 18.07
CA LYS C 149 -13.44 -0.72 16.66
C LYS C 149 -12.47 -1.81 16.19
N GLN C 150 -11.63 -2.31 17.10
CA GLN C 150 -10.62 -3.30 16.76
C GLN C 150 -11.02 -4.74 17.03
N ALA C 151 -12.14 -4.94 17.73
CA ALA C 151 -12.66 -6.28 17.99
C ALA C 151 -13.04 -7.01 16.68
N ASP C 152 -12.99 -8.33 16.71
CA ASP C 152 -13.52 -9.11 15.59
C ASP C 152 -14.96 -9.50 15.85
N LEU C 153 -15.26 -9.81 17.11
CA LEU C 153 -16.62 -10.10 17.51
C LEU C 153 -16.93 -9.37 18.81
N ILE C 154 -18.15 -8.85 18.90
CA ILE C 154 -18.62 -8.25 20.14
C ILE C 154 -19.89 -8.95 20.54
N ILE C 155 -19.90 -9.48 21.76
CA ILE C 155 -21.04 -10.22 22.28
C ILE C 155 -21.67 -9.45 23.42
N MET C 156 -22.99 -9.26 23.33
CA MET C 156 -23.74 -8.45 24.29
C MET C 156 -24.98 -9.14 24.83
N PHE C 157 -25.17 -9.02 26.14
CA PHE C 157 -26.39 -9.54 26.77
C PHE C 157 -27.41 -8.43 26.94
N TYR C 158 -28.61 -8.78 27.39
CA TYR C 158 -29.70 -7.83 27.58
C TYR C 158 -29.29 -6.57 28.33
N THR C 159 -29.67 -5.43 27.78
CA THR C 159 -29.68 -4.18 28.53
C THR C 159 -30.67 -3.19 27.92
N ARG C 160 -31.20 -2.30 28.76
CA ARG C 160 -32.04 -1.21 28.29
C ARG C 160 -31.58 0.11 28.87
N GLU C 161 -30.40 0.07 29.48
CA GLU C 161 -29.78 1.27 30.04
C GLU C 161 -29.46 2.25 28.91
N PRO C 162 -30.04 3.46 28.99
CA PRO C 162 -29.97 4.43 27.89
C PRO C 162 -28.54 4.79 27.48
N ASN C 163 -27.63 4.97 28.43
CA ASN C 163 -26.26 5.33 28.09
C ASN C 163 -25.52 4.16 27.42
N GLU C 164 -25.86 2.95 27.80
CA GLU C 164 -25.32 1.76 27.13
C GLU C 164 -25.84 1.64 25.71
N LEU C 165 -27.12 1.91 25.50
CA LEU C 165 -27.70 1.89 24.16
C LEU C 165 -27.11 2.99 23.25
N ARG C 166 -26.87 4.17 23.82
CA ARG C 166 -26.25 5.24 23.05
C ARG C 166 -24.82 4.87 22.62
N TRP C 167 -24.07 4.25 23.53
CA TRP C 167 -22.73 3.78 23.18
C TRP C 167 -22.79 2.74 22.08
N ILE C 168 -23.71 1.80 22.22
CA ILE C 168 -23.84 0.73 21.22
C ILE C 168 -24.18 1.31 19.85
N SER C 169 -25.10 2.27 19.82
CA SER C 169 -25.45 2.89 18.55
C SER C 169 -24.27 3.66 17.99
N LYS C 170 -23.54 4.34 18.87
CA LYS C 170 -22.44 5.21 18.40
C LYS C 170 -21.24 4.44 17.87
N TYR C 171 -20.81 3.44 18.62
CA TYR C 171 -19.54 2.78 18.28
C TYR C 171 -19.66 1.40 17.66
N ILE C 172 -20.86 0.84 17.68
CA ILE C 172 -21.04 -0.53 17.21
C ILE C 172 -22.04 -0.61 16.05
N SER C 173 -23.30 -0.36 16.34
CA SER C 173 -24.37 -0.51 15.35
C SER C 173 -25.72 -0.05 15.93
N ALA C 174 -26.45 0.77 15.17
CA ALA C 174 -27.79 1.17 15.59
C ALA C 174 -28.73 -0.03 15.77
N GLU C 175 -28.62 -0.98 14.85
CA GLU C 175 -29.46 -2.16 14.86
C GLU C 175 -29.19 -3.02 16.10
N ALA C 176 -27.92 -3.09 16.48
CA ALA C 176 -27.52 -3.84 17.67
C ALA C 176 -28.18 -3.23 18.89
N ALA C 177 -28.13 -1.91 18.99
CA ALA C 177 -28.71 -1.21 20.14
C ALA C 177 -30.22 -1.43 20.25
N GLU C 178 -30.89 -1.65 19.12
CA GLU C 178 -32.34 -1.92 19.20
C GLU C 178 -32.57 -3.37 19.61
N LYS C 179 -31.77 -4.27 19.06
CA LYS C 179 -31.94 -5.70 19.31
C LYS C 179 -31.52 -6.17 20.71
N VAL C 180 -30.58 -5.48 21.35
CA VAL C 180 -30.17 -5.90 22.70
C VAL C 180 -31.28 -5.67 23.72
N LYS C 181 -32.19 -4.76 23.40
CA LYS C 181 -33.28 -4.42 24.31
C LYS C 181 -34.30 -5.55 24.43
N THR C 182 -34.33 -6.44 23.44
CA THR C 182 -35.34 -7.50 23.39
C THR C 182 -34.79 -8.92 23.56
N LEU C 183 -33.56 -9.02 24.06
CA LEU C 183 -32.99 -10.32 24.36
C LEU C 183 -33.70 -10.97 25.53
N LYS C 184 -34.09 -12.23 25.38
CA LYS C 184 -34.62 -12.99 26.52
C LYS C 184 -33.47 -13.51 27.37
N GLN C 185 -33.78 -13.96 28.59
CA GLN C 185 -32.78 -14.42 29.56
C GLN C 185 -31.76 -15.41 28.98
N TYR C 186 -30.48 -15.11 29.20
CA TYR C 186 -29.36 -15.94 28.74
C TYR C 186 -29.18 -16.01 27.21
N HIS C 187 -30.02 -15.29 26.46
CA HIS C 187 -29.78 -15.14 25.03
C HIS C 187 -28.75 -14.02 24.86
N PHE C 188 -28.05 -14.04 23.74
CA PHE C 188 -27.04 -13.01 23.49
C PHE C 188 -26.86 -12.67 22.02
N LEU C 189 -26.50 -11.41 21.78
CA LEU C 189 -26.33 -10.91 20.44
C LEU C 189 -24.85 -10.98 20.06
N ILE C 190 -24.57 -11.49 18.87
CA ILE C 190 -23.21 -11.53 18.36
C ILE C 190 -23.08 -10.56 17.20
N TYR C 191 -22.32 -9.48 17.42
CA TYR C 191 -22.02 -8.56 16.34
C TYR C 191 -20.65 -8.87 15.72
N ASP C 192 -20.66 -9.16 14.43
CA ASP C 192 -19.44 -9.42 13.67
C ASP C 192 -18.91 -8.10 13.12
N VAL C 193 -17.79 -7.64 13.66
CA VAL C 193 -17.29 -6.32 13.36
C VAL C 193 -16.80 -6.23 11.91
N ASN C 194 -16.27 -7.34 11.43
CA ASN C 194 -15.69 -7.44 10.10
C ASN C 194 -16.74 -7.52 8.99
N SER C 195 -17.81 -8.27 9.21
CA SER C 195 -18.88 -8.40 8.21
C SER C 195 -20.06 -7.46 8.50
N GLN C 196 -20.03 -6.84 9.66
CA GLN C 196 -21.08 -5.91 10.10
C GLN C 196 -22.46 -6.57 10.11
N THR C 197 -22.51 -7.80 10.60
CA THR C 197 -23.75 -8.53 10.71
C THR C 197 -24.09 -8.89 12.16
N ILE C 198 -25.36 -9.22 12.40
CA ILE C 198 -25.86 -9.55 13.73
C ILE C 198 -26.46 -10.95 13.75
N LYS C 199 -26.11 -11.73 14.77
CA LYS C 199 -26.81 -12.97 15.06
C LYS C 199 -27.36 -12.89 16.47
N ILE C 200 -28.54 -13.45 16.69
CA ILE C 200 -29.06 -13.61 18.05
C ILE C 200 -28.87 -15.08 18.42
N HIS C 201 -28.27 -15.34 19.56
CA HIS C 201 -27.90 -16.70 19.90
C HIS C 201 -28.69 -17.23 21.07
N LYS C 202 -29.09 -18.50 20.98
CA LYS C 202 -29.86 -19.15 22.05
C LYS C 202 -28.99 -19.33 23.29
N PRO C 203 -29.61 -19.55 24.46
CA PRO C 203 -28.77 -19.85 25.63
C PRO C 203 -27.92 -21.08 25.37
N ILE C 204 -26.69 -21.11 25.86
CA ILE C 204 -25.85 -22.29 25.71
C ILE C 204 -26.32 -23.41 26.65
N LEU C 205 -25.98 -24.65 26.34
CA LEU C 205 -26.42 -25.78 27.17
C LEU C 205 -25.72 -25.81 28.54
N MET D 1 26.32 -15.37 -29.05
CA MET D 1 26.02 -15.67 -30.44
C MET D 1 24.52 -15.88 -30.65
N ASN D 2 23.74 -15.69 -29.59
CA ASN D 2 22.30 -15.77 -29.78
C ASN D 2 21.55 -14.70 -28.98
N PRO D 3 20.36 -14.31 -29.48
CA PRO D 3 19.77 -13.07 -28.93
C PRO D 3 19.29 -13.17 -27.48
N ASP D 4 19.05 -14.38 -26.95
CA ASP D 4 18.65 -14.48 -25.55
C ASP D 4 19.70 -15.09 -24.62
N ASP D 5 20.97 -14.98 -24.98
CA ASP D 5 22.06 -15.33 -24.07
C ASP D 5 22.14 -14.36 -22.88
N ILE D 6 22.76 -14.84 -21.81
CA ILE D 6 23.21 -13.96 -20.75
C ILE D 6 24.68 -13.78 -20.97
N VAL D 7 25.09 -12.52 -21.09
CA VAL D 7 26.48 -12.17 -21.34
C VAL D 7 26.95 -11.24 -20.24
N VAL D 8 28.05 -11.60 -19.61
CA VAL D 8 28.57 -10.77 -18.54
C VAL D 8 29.89 -10.19 -19.05
N LEU D 9 30.06 -8.87 -18.88
CA LEU D 9 31.26 -8.17 -19.32
C LEU D 9 31.96 -7.55 -18.11
N VAL D 10 33.22 -7.91 -17.93
CA VAL D 10 33.99 -7.43 -16.79
C VAL D 10 35.17 -6.63 -17.32
N GLY D 11 35.28 -5.37 -16.91
CA GLY D 11 36.40 -4.55 -17.33
C GLY D 11 36.31 -3.15 -16.73
N ARG D 12 37.44 -2.59 -16.37
CA ARG D 12 37.44 -1.26 -15.76
C ARG D 12 37.35 -0.18 -16.83
N LYS D 13 37.28 1.08 -16.41
CA LYS D 13 37.30 2.20 -17.35
C LYS D 13 38.58 2.15 -18.17
N LYS D 14 38.46 2.49 -19.45
CA LYS D 14 39.57 2.51 -20.41
C LYS D 14 40.05 1.13 -20.82
N SER D 15 39.43 0.08 -20.29
CA SER D 15 39.83 -1.28 -20.65
C SER D 15 39.46 -1.59 -22.10
N GLY D 16 38.40 -0.95 -22.58
CA GLY D 16 37.85 -1.25 -23.89
C GLY D 16 36.44 -1.82 -23.75
N LYS D 17 36.04 -2.12 -22.52
CA LYS D 17 34.70 -2.68 -22.30
C LYS D 17 33.57 -1.78 -22.82
N SER D 18 33.58 -0.51 -22.40
CA SER D 18 32.52 0.40 -22.83
C SER D 18 32.46 0.52 -24.33
N TYR D 19 33.64 0.50 -24.96
CA TYR D 19 33.74 0.56 -26.40
C TYR D 19 33.10 -0.68 -27.06
N LEU D 20 33.30 -1.85 -26.44
CA LEU D 20 32.69 -3.08 -26.92
C LEU D 20 31.14 -2.99 -26.90
N ILE D 21 30.60 -2.46 -25.81
CA ILE D 21 29.16 -2.33 -25.66
C ILE D 21 28.59 -1.40 -26.74
N LYS D 22 29.14 -0.19 -26.80
CA LYS D 22 28.61 0.86 -27.67
C LYS D 22 28.95 0.67 -29.15
N HIS D 23 30.09 0.06 -29.44
CA HIS D 23 30.53 -0.08 -30.84
C HIS D 23 30.44 -1.48 -31.41
N TYR D 24 30.13 -2.47 -30.58
CA TYR D 24 29.84 -3.80 -31.12
C TYR D 24 28.42 -4.25 -30.78
N PHE D 25 28.16 -4.51 -29.49
CA PHE D 25 26.87 -5.10 -29.10
C PHE D 25 25.66 -4.28 -29.52
N ILE D 26 25.66 -2.98 -29.25
CA ILE D 26 24.47 -2.18 -29.59
C ILE D 26 24.19 -2.10 -31.11
N PRO D 27 25.20 -1.77 -31.93
CA PRO D 27 24.89 -1.73 -33.37
C PRO D 27 24.56 -3.10 -33.97
N VAL D 28 25.20 -4.17 -33.48
CA VAL D 28 24.91 -5.50 -33.98
C VAL D 28 23.48 -5.91 -33.66
N LEU D 29 23.03 -5.62 -32.44
CA LEU D 29 21.65 -5.90 -32.09
C LEU D 29 20.73 -5.08 -32.99
N LYS D 30 21.04 -3.79 -33.12
CA LYS D 30 20.24 -2.90 -33.95
C LYS D 30 20.19 -3.39 -35.39
N ALA D 31 21.34 -3.86 -35.90
CA ALA D 31 21.43 -4.44 -37.24
C ALA D 31 20.53 -5.66 -37.45
N HIS D 32 20.35 -6.46 -36.41
CA HIS D 32 19.51 -7.66 -36.48
C HIS D 32 18.07 -7.38 -36.02
N LYS D 33 17.78 -6.10 -35.80
CA LYS D 33 16.48 -5.62 -35.38
C LYS D 33 16.01 -6.27 -34.08
N ILE D 34 16.97 -6.61 -33.23
CA ILE D 34 16.68 -7.13 -31.90
C ILE D 34 16.55 -5.93 -30.99
N SER D 35 15.39 -5.74 -30.37
CA SER D 35 15.24 -4.53 -29.59
C SER D 35 15.97 -4.63 -28.24
N TYR D 36 16.26 -3.47 -27.65
CA TYR D 36 16.98 -3.45 -26.39
C TYR D 36 16.48 -2.40 -25.43
N ILE D 37 16.78 -2.64 -24.16
CA ILE D 37 16.42 -1.78 -23.06
C ILE D 37 17.71 -1.54 -22.32
N ILE D 38 18.14 -0.28 -22.27
CA ILE D 38 19.39 0.03 -21.62
C ILE D 38 19.11 0.62 -20.25
N ASP D 39 19.62 -0.05 -19.22
CA ASP D 39 19.47 0.38 -17.84
C ASP D 39 20.74 1.15 -17.45
N ASP D 40 20.61 2.47 -17.30
CA ASP D 40 21.78 3.34 -17.09
C ASP D 40 21.68 4.00 -15.72
N HIS D 41 22.75 3.96 -14.94
CA HIS D 41 22.75 4.57 -13.61
C HIS D 41 23.25 6.01 -13.65
N GLY D 47 23.07 13.65 -17.58
CA GLY D 47 23.15 12.20 -17.74
C GLY D 47 22.53 11.78 -19.06
N SER D 48 23.34 11.15 -19.92
CA SER D 48 22.91 10.84 -21.28
C SER D 48 23.98 10.07 -22.06
N GLU D 49 24.64 9.13 -21.40
CA GLU D 49 25.73 8.39 -22.04
C GLU D 49 25.24 7.50 -23.19
N TYR D 50 24.04 6.96 -23.03
CA TYR D 50 23.44 6.09 -24.04
C TYR D 50 22.31 6.79 -24.78
N SER D 51 22.20 8.09 -24.54
CA SER D 51 21.08 8.92 -25.02
C SER D 51 20.68 8.73 -26.48
N LYS D 52 21.67 8.58 -27.36
CA LYS D 52 21.39 8.50 -28.78
C LYS D 52 20.94 7.12 -29.26
N PHE D 53 21.06 6.12 -28.38
CA PHE D 53 20.75 4.75 -28.75
C PHE D 53 19.27 4.38 -28.64
N GLY D 54 18.46 5.25 -28.05
CA GLY D 54 17.02 5.02 -28.04
C GLY D 54 16.20 6.08 -27.36
N TYR D 55 14.91 5.79 -27.18
CA TYR D 55 13.99 6.72 -26.52
C TYR D 55 14.34 6.82 -25.05
N ASN D 56 14.47 8.04 -24.57
CA ASN D 56 14.78 8.26 -23.15
C ASN D 56 13.53 8.22 -22.28
N ALA D 57 13.39 7.15 -21.50
CA ALA D 57 12.15 6.83 -20.78
C ALA D 57 11.95 7.63 -19.50
N THR D 58 10.73 8.13 -19.32
CA THR D 58 10.34 8.85 -18.11
C THR D 58 9.41 8.02 -17.23
N SER D 59 9.12 6.80 -17.68
CA SER D 59 8.19 5.93 -16.95
C SER D 59 8.34 4.46 -17.34
N LEU D 60 7.77 3.57 -16.52
CA LEU D 60 7.67 2.15 -16.82
C LEU D 60 6.86 1.91 -18.09
N SER D 61 5.88 2.76 -18.33
CA SER D 61 5.05 2.66 -19.52
C SER D 61 5.92 2.74 -20.76
N ASP D 62 6.85 3.68 -20.75
CA ASP D 62 7.76 3.89 -21.87
C ASP D 62 8.66 2.65 -22.08
N ILE D 63 8.97 1.95 -21.00
CA ILE D 63 9.78 0.72 -21.13
C ILE D 63 9.03 -0.33 -21.93
N VAL D 64 7.73 -0.46 -21.67
CA VAL D 64 6.92 -1.43 -22.41
C VAL D 64 6.70 -0.99 -23.86
N SER D 65 6.35 0.27 -24.04
CA SER D 65 5.79 0.73 -25.31
C SER D 65 6.82 1.08 -26.39
N LYS D 66 8.04 1.44 -25.97
CA LYS D 66 9.07 1.91 -26.92
C LYS D 66 10.08 0.84 -27.33
N GLN D 67 10.38 0.76 -28.63
CA GLN D 67 11.22 -0.32 -29.16
C GLN D 67 12.69 -0.28 -28.70
N TYR D 68 13.31 0.89 -28.77
CA TYR D 68 14.66 1.06 -28.24
C TYR D 68 14.58 2.10 -27.14
N VAL D 69 14.93 1.68 -25.93
CA VAL D 69 14.71 2.52 -24.76
C VAL D 69 15.90 2.61 -23.84
N VAL D 70 16.16 3.82 -23.37
CA VAL D 70 17.14 4.06 -22.32
C VAL D 70 16.42 4.40 -21.02
N VAL D 71 16.75 3.67 -19.96
CA VAL D 71 16.15 3.88 -18.65
C VAL D 71 17.16 4.51 -17.71
N TYR D 72 16.74 5.59 -17.04
CA TYR D 72 17.60 6.31 -16.12
C TYR D 72 17.37 5.82 -14.71
N ASP D 73 18.26 4.97 -14.23
CA ASP D 73 18.03 4.21 -13.01
C ASP D 73 18.72 4.85 -11.80
N ARG D 74 18.06 5.83 -11.18
CA ARG D 74 18.57 6.45 -9.95
C ARG D 74 17.46 7.16 -9.19
N ASP D 79 12.84 -1.18 -4.86
CA ASP D 79 12.25 -2.34 -5.51
C ASP D 79 12.16 -2.13 -7.02
N PHE D 80 13.03 -1.26 -7.53
CA PHE D 80 12.94 -0.85 -8.93
C PHE D 80 13.27 -1.99 -9.90
N PHE D 81 14.22 -2.85 -9.55
CA PHE D 81 14.59 -3.90 -10.50
C PHE D 81 13.41 -4.81 -10.79
N GLU D 82 12.64 -5.15 -9.75
CA GLU D 82 11.44 -5.94 -9.93
C GLU D 82 10.51 -5.30 -10.97
N LYS D 83 10.31 -3.98 -10.86
CA LYS D 83 9.42 -3.26 -11.78
C LYS D 83 9.99 -3.17 -13.20
N LEU D 84 11.29 -2.93 -13.30
CA LEU D 84 12.01 -2.94 -14.57
C LEU D 84 11.93 -4.30 -15.27
N TRP D 85 12.11 -5.35 -14.49
CA TRP D 85 11.99 -6.71 -15.01
C TRP D 85 10.58 -6.97 -15.51
N GLN D 86 9.58 -6.61 -14.71
CA GLN D 86 8.20 -6.82 -15.15
C GLN D 86 7.91 -6.04 -16.43
N ALA D 87 8.41 -4.81 -16.52
CA ALA D 87 8.16 -3.98 -17.69
C ALA D 87 8.93 -4.55 -18.90
N SER D 88 10.11 -5.08 -18.62
CA SER D 88 10.91 -5.67 -19.69
C SER D 88 10.20 -6.89 -20.29
N LYS D 89 9.58 -7.71 -19.44
CA LYS D 89 8.85 -8.88 -19.92
C LYS D 89 7.65 -8.51 -20.78
N LEU D 90 6.93 -7.45 -20.42
CA LEU D 90 5.83 -6.98 -21.28
C LEU D 90 6.40 -6.46 -22.59
N HIS D 91 7.49 -5.72 -22.50
CA HIS D 91 8.16 -5.20 -23.66
C HIS D 91 8.47 -6.33 -24.65
N SER D 92 8.96 -7.44 -24.13
CA SER D 92 9.29 -8.58 -24.98
C SER D 92 8.04 -9.23 -25.60
N LYS D 93 6.92 -9.19 -24.91
CA LYS D 93 5.68 -9.70 -25.50
C LYS D 93 5.27 -8.86 -26.71
N LYS D 94 5.54 -7.56 -26.64
CA LYS D 94 5.17 -6.63 -27.71
C LYS D 94 6.17 -6.62 -28.86
N TYR D 95 7.45 -6.74 -28.53
CA TYR D 95 8.50 -6.51 -29.51
C TYR D 95 9.32 -7.73 -29.91
N GLY D 96 9.06 -8.88 -29.29
CA GLY D 96 9.88 -10.03 -29.57
C GLY D 96 11.13 -10.01 -28.71
N THR D 97 12.03 -10.97 -28.94
CA THR D 97 13.22 -11.14 -28.10
C THR D 97 13.98 -9.84 -27.93
N THR D 98 14.26 -9.50 -26.68
CA THR D 98 14.79 -8.19 -26.33
C THR D 98 15.99 -8.40 -25.42
N VAL D 99 16.99 -7.53 -25.52
CA VAL D 99 18.13 -7.63 -24.63
C VAL D 99 18.07 -6.51 -23.61
N LEU D 100 18.02 -6.88 -22.33
CA LEU D 100 18.16 -5.92 -21.24
C LEU D 100 19.64 -5.71 -20.97
N ILE D 101 20.10 -4.48 -21.19
CA ILE D 101 21.51 -4.14 -21.04
C ILE D 101 21.73 -3.32 -19.76
N ILE D 102 22.47 -3.89 -18.82
CA ILE D 102 22.70 -3.22 -17.56
C ILE D 102 24.14 -2.73 -17.46
N ASP D 103 24.27 -1.40 -17.56
CA ASP D 103 25.58 -0.73 -17.67
C ASP D 103 26.44 -0.96 -16.45
N GLU D 104 25.84 -0.93 -15.27
CA GLU D 104 26.56 -1.26 -14.04
C GLU D 104 25.72 -2.22 -13.21
N ALA D 105 25.97 -3.51 -13.40
CA ALA D 105 25.12 -4.55 -12.85
C ALA D 105 25.21 -4.69 -11.34
N TYR D 106 26.22 -4.07 -10.73
CA TYR D 106 26.37 -4.28 -9.30
C TYR D 106 25.25 -3.61 -8.49
N TYR D 107 24.61 -2.57 -9.05
CA TYR D 107 23.47 -1.97 -8.36
C TYR D 107 22.30 -2.95 -8.18
N HIS D 108 22.17 -3.90 -9.10
CA HIS D 108 21.04 -4.84 -9.03
C HIS D 108 21.43 -6.28 -8.73
N PHE D 109 22.68 -6.64 -9.00
CA PHE D 109 23.12 -8.02 -8.87
C PHE D 109 24.31 -8.14 -7.93
N LYS D 110 24.40 -7.22 -6.97
CA LYS D 110 25.54 -7.11 -6.08
C LYS D 110 25.86 -8.39 -5.31
N TYR D 111 27.14 -8.58 -5.03
CA TYR D 111 27.59 -9.64 -4.13
C TYR D 111 26.93 -9.39 -2.79
N LYS D 112 26.34 -10.44 -2.23
CA LYS D 112 25.63 -10.34 -0.94
C LYS D 112 24.53 -9.27 -0.96
N GLN D 113 23.69 -9.32 -1.98
CA GLN D 113 22.35 -8.77 -1.87
C GLN D 113 21.40 -9.95 -2.11
N LYS D 114 20.20 -9.88 -1.57
CA LYS D 114 19.30 -11.03 -1.59
C LYS D 114 18.73 -11.30 -2.98
N VAL D 115 18.56 -12.57 -3.30
CA VAL D 115 17.98 -12.99 -4.57
C VAL D 115 16.45 -12.92 -4.57
N THR D 116 15.91 -11.91 -5.25
CA THR D 116 14.47 -11.72 -5.44
C THR D 116 13.95 -12.61 -6.57
N PRO D 117 12.62 -12.75 -6.68
CA PRO D 117 12.07 -13.51 -7.82
C PRO D 117 12.50 -12.97 -9.18
N ALA D 118 12.60 -11.65 -9.31
CA ALA D 118 13.06 -11.02 -10.56
C ALA D 118 14.48 -11.43 -10.90
N ILE D 119 15.40 -11.25 -9.94
CA ILE D 119 16.80 -11.66 -10.13
C ILE D 119 16.88 -13.14 -10.46
N ASP D 120 16.10 -13.95 -9.74
CA ASP D 120 16.18 -15.39 -9.95
C ASP D 120 15.68 -15.82 -11.33
N GLU D 121 14.59 -15.20 -11.77
CA GLU D 121 14.05 -15.47 -13.11
C GLU D 121 15.00 -14.97 -14.19
N ALA D 122 15.64 -13.82 -13.95
CA ALA D 122 16.54 -13.26 -14.96
C ALA D 122 17.72 -14.21 -15.19
N LEU D 123 18.13 -14.90 -14.12
CA LEU D 123 19.31 -15.76 -14.20
C LEU D 123 18.99 -17.21 -14.53
N HIS D 124 17.79 -17.66 -14.20
CA HIS D 124 17.43 -19.07 -14.41
C HIS D 124 16.37 -19.31 -15.46
N ALA D 125 15.65 -18.28 -15.88
CA ALA D 125 14.58 -18.49 -16.86
C ALA D 125 14.46 -17.32 -17.83
N ASN D 126 15.59 -16.71 -18.20
CA ASN D 126 15.53 -15.53 -19.06
C ASN D 126 15.02 -15.83 -20.46
N ARG D 127 15.43 -16.96 -21.03
CA ARG D 127 14.94 -17.32 -22.38
C ARG D 127 13.42 -17.48 -22.36
N HIS D 128 12.91 -18.17 -21.36
CA HIS D 128 11.46 -18.27 -21.23
C HIS D 128 10.80 -16.89 -21.16
N ALA D 129 11.44 -15.93 -20.51
CA ALA D 129 10.88 -14.57 -20.37
C ALA D 129 11.04 -13.73 -21.63
N GLY D 130 11.76 -14.28 -22.62
CA GLY D 130 12.00 -13.59 -23.88
C GLY D 130 13.04 -12.49 -23.80
N LEU D 131 13.99 -12.64 -22.86
CA LEU D 131 14.97 -11.57 -22.61
C LEU D 131 16.41 -12.08 -22.57
N GLY D 132 17.27 -11.48 -23.39
CA GLY D 132 18.69 -11.67 -23.23
C GLY D 132 19.14 -10.63 -22.21
N LEU D 133 20.31 -10.84 -21.63
CA LEU D 133 20.87 -9.93 -20.65
C LEU D 133 22.33 -9.64 -20.94
N ILE D 134 22.70 -8.37 -20.90
CA ILE D 134 24.10 -8.01 -20.85
C ILE D 134 24.35 -7.31 -19.51
N LEU D 135 25.20 -7.93 -18.69
CA LEU D 135 25.52 -7.42 -17.36
C LEU D 135 26.96 -6.95 -17.39
N SER D 136 27.15 -5.65 -17.20
CA SER D 136 28.47 -5.06 -17.27
C SER D 136 28.96 -4.70 -15.88
N THR D 137 30.23 -4.97 -15.59
CA THR D 137 30.76 -4.68 -14.26
C THR D 137 32.24 -4.34 -14.29
N GLN D 138 32.69 -3.59 -13.28
CA GLN D 138 34.10 -3.18 -13.19
C GLN D 138 34.99 -4.33 -12.74
N ARG D 139 34.58 -5.03 -11.68
CA ARG D 139 35.39 -6.10 -11.10
C ARG D 139 34.59 -7.38 -11.00
N VAL D 140 35.27 -8.52 -11.15
CA VAL D 140 34.60 -9.81 -11.07
C VAL D 140 33.88 -9.97 -9.74
N TYR D 141 34.50 -9.51 -8.66
CA TYR D 141 33.95 -9.74 -7.33
C TYR D 141 32.80 -8.78 -6.98
N ASP D 142 32.43 -7.91 -7.91
CA ASP D 142 31.34 -6.97 -7.67
C ASP D 142 29.96 -7.65 -7.65
N LEU D 143 29.86 -8.78 -8.33
CA LEU D 143 28.57 -9.45 -8.53
C LEU D 143 28.46 -10.75 -7.73
N MET D 144 27.23 -11.17 -7.46
CA MET D 144 26.98 -12.47 -6.82
C MET D 144 27.46 -13.61 -7.73
N PRO D 145 28.08 -14.64 -7.14
CA PRO D 145 28.65 -15.78 -7.87
C PRO D 145 27.67 -16.47 -8.81
N ILE D 146 26.40 -16.49 -8.46
CA ILE D 146 25.41 -17.20 -9.28
C ILE D 146 25.29 -16.57 -10.66
N VAL D 147 25.71 -15.31 -10.79
CA VAL D 147 25.73 -14.68 -12.10
C VAL D 147 26.71 -15.46 -13.00
N TYR D 148 27.89 -15.81 -12.49
CA TYR D 148 28.90 -16.47 -13.32
C TYR D 148 28.52 -17.92 -13.64
N LYS D 149 27.77 -18.55 -12.75
CA LYS D 149 27.33 -19.92 -12.99
C LYS D 149 26.23 -19.97 -14.06
N GLN D 150 25.36 -18.96 -14.07
CA GLN D 150 24.20 -18.96 -14.95
C GLN D 150 24.43 -18.21 -16.26
N ALA D 151 25.54 -17.49 -16.36
CA ALA D 151 25.83 -16.77 -17.60
C ALA D 151 26.06 -17.79 -18.73
N ASP D 152 25.88 -17.33 -19.96
CA ASP D 152 26.16 -18.13 -21.14
C ASP D 152 27.56 -17.81 -21.63
N LEU D 153 27.90 -16.53 -21.55
CA LEU D 153 29.23 -16.05 -21.95
C LEU D 153 29.76 -15.09 -20.90
N ILE D 154 31.03 -15.24 -20.53
CA ILE D 154 31.70 -14.27 -19.68
C ILE D 154 32.89 -13.69 -20.41
N ILE D 155 32.89 -12.38 -20.58
CA ILE D 155 33.96 -11.66 -21.28
C ILE D 155 34.76 -10.83 -20.29
N MET D 156 36.08 -10.96 -20.35
CA MET D 156 36.93 -10.30 -19.37
C MET D 156 38.10 -9.61 -20.05
N PHE D 157 38.38 -8.39 -19.61
CA PHE D 157 39.59 -7.70 -20.08
C PHE D 157 40.71 -7.88 -19.06
N TYR D 158 41.88 -7.37 -19.40
CA TYR D 158 43.08 -7.58 -18.59
C TYR D 158 42.89 -7.24 -17.11
N THR D 159 43.38 -8.11 -16.24
CA THR D 159 43.53 -7.76 -14.83
C THR D 159 44.62 -8.63 -14.21
N ARG D 160 45.18 -8.18 -13.08
CA ARG D 160 46.03 -9.04 -12.27
C ARG D 160 45.81 -8.86 -10.79
N GLU D 161 44.73 -8.16 -10.44
CA GLU D 161 44.32 -8.02 -9.03
C GLU D 161 44.07 -9.41 -8.46
N PRO D 162 44.80 -9.77 -7.39
CA PRO D 162 44.81 -11.15 -6.89
C PRO D 162 43.46 -11.64 -6.38
N ASN D 163 42.67 -10.76 -5.78
CA ASN D 163 41.33 -11.16 -5.36
C ASN D 163 40.41 -11.41 -6.57
N GLU D 164 40.65 -10.67 -7.66
CA GLU D 164 39.91 -10.92 -8.89
C GLU D 164 40.32 -12.26 -9.49
N LEU D 165 41.62 -12.53 -9.48
CA LEU D 165 42.12 -13.77 -10.04
C LEU D 165 41.62 -14.98 -9.26
N ARG D 166 41.53 -14.82 -7.94
CA ARG D 166 41.04 -15.90 -7.09
C ARG D 166 39.57 -16.17 -7.36
N TRP D 167 38.79 -15.11 -7.56
CA TRP D 167 37.38 -15.25 -7.92
C TRP D 167 37.22 -15.93 -9.26
N ILE D 168 38.03 -15.52 -10.24
CA ILE D 168 37.98 -16.13 -11.56
C ILE D 168 38.26 -17.64 -11.45
N SER D 169 39.30 -18.00 -10.72
CA SER D 169 39.64 -19.42 -10.57
C SER D 169 38.53 -20.21 -9.90
N LYS D 170 37.92 -19.63 -8.88
CA LYS D 170 36.89 -20.27 -8.07
C LYS D 170 35.55 -20.44 -8.82
N TYR D 171 35.15 -19.43 -9.58
CA TYR D 171 33.77 -19.38 -10.10
C TYR D 171 33.67 -19.50 -11.61
N ILE D 172 34.82 -19.43 -12.28
CA ILE D 172 34.84 -19.46 -13.73
C ILE D 172 35.77 -20.57 -14.24
N SER D 173 37.08 -20.32 -14.22
CA SER D 173 38.04 -21.28 -14.74
C SER D 173 39.46 -20.97 -14.23
N ALA D 174 40.19 -21.99 -13.83
CA ALA D 174 41.59 -21.80 -13.42
C ALA D 174 42.39 -21.36 -14.62
N GLU D 175 42.06 -21.90 -15.79
CA GLU D 175 42.74 -21.55 -17.02
C GLU D 175 42.46 -20.10 -17.38
N ALA D 176 41.21 -19.68 -17.19
CA ALA D 176 40.82 -18.30 -17.46
C ALA D 176 41.61 -17.34 -16.60
N ALA D 177 41.80 -17.71 -15.34
CA ALA D 177 42.52 -16.89 -14.37
C ALA D 177 43.96 -16.66 -14.78
N GLU D 178 44.55 -17.63 -15.45
CA GLU D 178 45.93 -17.47 -15.93
C GLU D 178 45.95 -16.60 -17.18
N LYS D 179 45.04 -16.87 -18.11
CA LYS D 179 45.06 -16.20 -19.41
C LYS D 179 44.68 -14.73 -19.33
N VAL D 180 43.82 -14.37 -18.38
CA VAL D 180 43.40 -12.97 -18.25
C VAL D 180 44.60 -12.09 -17.85
N LYS D 181 45.60 -12.70 -17.20
CA LYS D 181 46.80 -12.01 -16.74
C LYS D 181 47.69 -11.50 -17.87
N THR D 182 47.48 -12.00 -19.08
CA THR D 182 48.38 -11.72 -20.19
C THR D 182 47.67 -11.09 -21.39
N LEU D 183 46.46 -10.61 -21.19
CA LEU D 183 45.74 -9.96 -22.27
C LEU D 183 46.40 -8.64 -22.64
N LYS D 184 46.65 -8.46 -23.93
CA LYS D 184 47.13 -7.19 -24.44
C LYS D 184 45.99 -6.17 -24.44
N GLN D 185 46.35 -4.91 -24.61
CA GLN D 185 45.38 -3.81 -24.57
C GLN D 185 44.24 -4.03 -25.58
N TYR D 186 43.01 -3.84 -25.12
CA TYR D 186 41.79 -4.01 -25.93
C TYR D 186 41.47 -5.43 -26.37
N HIS D 187 42.37 -6.37 -26.05
CA HIS D 187 42.06 -7.77 -26.24
C HIS D 187 41.18 -8.24 -25.08
N PHE D 188 40.33 -9.21 -25.35
CA PHE D 188 39.49 -9.72 -24.27
C PHE D 188 39.29 -11.21 -24.36
N LEU D 189 39.11 -11.84 -23.21
CA LEU D 189 38.94 -13.28 -23.13
C LEU D 189 37.45 -13.59 -23.13
N ILE D 190 37.06 -14.60 -23.90
CA ILE D 190 35.67 -15.04 -23.91
C ILE D 190 35.58 -16.44 -23.35
N TYR D 191 34.96 -16.56 -22.18
CA TYR D 191 34.74 -17.88 -21.60
C TYR D 191 33.32 -18.34 -21.91
N ASP D 192 33.22 -19.46 -22.60
CA ASP D 192 31.94 -20.08 -22.92
C ASP D 192 31.54 -20.99 -21.75
N VAL D 193 30.52 -20.58 -21.01
CA VAL D 193 30.15 -21.27 -19.78
C VAL D 193 29.59 -22.66 -20.05
N ASN D 194 28.86 -22.80 -21.16
CA ASN D 194 28.19 -24.05 -21.48
C ASN D 194 29.16 -25.09 -22.06
N SER D 195 30.12 -24.64 -22.86
CA SER D 195 31.08 -25.57 -23.46
C SER D 195 32.40 -25.60 -22.68
N GLN D 196 32.49 -24.76 -21.65
CA GLN D 196 33.66 -24.67 -20.79
C GLN D 196 34.92 -24.45 -21.61
N THR D 197 34.84 -23.46 -22.50
CA THR D 197 35.85 -23.22 -23.51
C THR D 197 36.34 -21.76 -23.47
N ILE D 198 37.60 -21.53 -23.85
CA ILE D 198 38.18 -20.19 -23.83
C ILE D 198 38.67 -19.76 -25.22
N LYS D 199 38.33 -18.54 -25.60
CA LYS D 199 38.83 -17.94 -26.83
C LYS D 199 39.40 -16.57 -26.49
N ILE D 200 40.53 -16.21 -27.09
CA ILE D 200 41.07 -14.87 -26.90
C ILE D 200 40.70 -14.04 -28.11
N HIS D 201 40.09 -12.88 -27.87
CA HIS D 201 39.58 -12.08 -28.98
C HIS D 201 40.44 -10.84 -29.21
N LYS D 202 40.80 -10.61 -30.47
CA LYS D 202 41.51 -9.39 -30.87
C LYS D 202 40.63 -8.16 -30.66
N PRO D 203 41.23 -6.95 -30.59
CA PRO D 203 40.41 -5.74 -30.41
C PRO D 203 39.42 -5.56 -31.57
N ILE D 204 38.21 -5.09 -31.29
CA ILE D 204 37.23 -4.87 -32.35
C ILE D 204 37.61 -3.67 -33.21
PG ACP E . -20.42 4.63 -4.33
O1G ACP E . -20.27 6.21 -4.51
O2G ACP E . -19.55 3.92 -5.47
O3G ACP E . -19.95 4.23 -2.98
PB ACP E . -22.69 3.99 -6.21
O1B ACP E . -21.65 3.15 -7.10
O2B ACP E . -22.95 5.33 -6.80
C3B ACP E . -22.17 4.18 -4.49
PA ACP E . -24.16 1.57 -5.99
O1A ACP E . -23.00 1.15 -5.13
O2A ACP E . -24.36 1.00 -7.38
O3A ACP E . -24.10 3.18 -6.18
O5' ACP E . -25.53 1.28 -5.19
C5' ACP E . -25.80 1.73 -3.86
C4' ACP E . -26.91 0.85 -3.29
O4' ACP E . -28.17 1.01 -3.97
C3' ACP E . -26.57 -0.63 -3.40
O3' ACP E . -26.15 -1.11 -2.11
C2' ACP E . -27.86 -1.33 -3.78
O2' ACP E . -28.27 -2.05 -2.63
C1' ACP E . -28.86 -0.24 -4.10
N9 ACP E . -29.28 -0.44 -5.52
C8 ACP E . -28.64 0.06 -6.60
N7 ACP E . -29.27 -0.31 -7.75
C5 ACP E . -30.33 -1.07 -7.41
C6 ACP E . -31.41 -1.78 -8.13
N6 ACP E . -31.50 -1.77 -9.48
N1 ACP E . -32.31 -2.45 -7.39
C2 ACP E . -32.25 -2.48 -6.04
N3 ACP E . -31.29 -1.87 -5.33
C4 ACP E . -30.32 -1.14 -5.94
PA ACP F . -42.39 9.87 -5.64
O1A ACP F . -41.97 10.54 -6.92
O2A ACP F . -43.60 10.39 -4.89
O3A ACP F . -42.62 8.29 -5.92
O5' ACP F . -41.13 9.87 -4.64
C5' ACP F . -41.25 9.49 -3.26
C4' ACP F . -39.86 9.52 -2.65
O4' ACP F . -38.90 8.96 -3.58
C3' ACP F . -39.41 10.94 -2.35
O3' ACP F . -38.85 10.97 -1.03
C2' ACP F . -38.27 11.20 -3.30
O2' ACP F . -37.29 12.02 -2.67
C1' ACP F . -37.74 9.80 -3.58
N9 ACP F . -37.07 9.78 -4.90
C8 ACP F . -37.60 10.23 -6.05
N7 ACP F . -36.73 10.09 -7.08
C5 ACP F . -35.61 9.55 -6.57
C6 ACP F . -34.29 9.15 -7.10
N6 ACP F . -34.02 9.30 -8.42
N1 ACP F . -33.38 8.62 -6.23
C2 ACP F . -33.65 8.48 -4.92
N3 ACP F . -34.84 8.82 -4.37
C4 ACP F . -35.82 9.35 -5.13
CAC FLC G . -32.70 27.55 -8.03
CA FLC G . -31.33 26.94 -8.27
CB FLC G . -31.11 25.55 -7.65
CBC FLC G . -32.02 24.57 -8.37
CG FLC G . -29.62 25.16 -7.80
CGC FLC G . -29.12 24.12 -6.82
OA1 FLC G . -32.81 28.78 -8.20
OA2 FLC G . -33.69 26.85 -7.70
OB1 FLC G . -31.67 24.17 -9.50
OB2 FLC G . -33.09 24.21 -7.83
OG1 FLC G . -27.93 23.67 -6.95
OG2 FLC G . -29.86 23.73 -5.90
OHB FLC G . -31.42 25.64 -6.25
CAC FLC H . -44.00 16.65 -9.91
CA FLC H . -43.81 17.80 -10.89
CB FLC H . -42.63 18.68 -10.50
CBC FLC H . -41.35 17.87 -10.59
CG FLC H . -42.54 19.88 -11.43
CGC FLC H . -41.22 20.63 -11.28
OA1 FLC H . -43.36 16.65 -8.83
OA2 FLC H . -44.80 15.74 -10.22
OB1 FLC H . -40.55 17.90 -9.62
OB2 FLC H . -41.15 17.20 -11.64
OG1 FLC H . -40.82 21.27 -12.28
OG2 FLC H . -40.58 20.63 -10.19
OHB FLC H . -42.83 19.14 -9.16
MG MG I . -41.08 18.69 -6.80
MG MG J . -33.86 23.78 -5.11
MG MG K . -19.79 2.91 -6.85
ZN ZN L . -6.85 3.85 -11.57
PG ACP M . 8.97 27.70 16.34
O1G ACP M . 8.48 29.23 16.34
O2G ACP M . 9.04 27.14 17.85
O3G ACP M . 8.07 26.84 15.53
PB ACP M . 11.07 26.09 14.79
O1B ACP M . 11.61 24.97 15.77
O2B ACP M . 9.98 25.60 13.91
C3B ACP M . 10.66 27.61 15.70
PA ACP M . 12.19 27.08 12.37
O1A ACP M . 12.14 25.94 11.37
O2A ACP M . 11.15 28.18 12.33
O3A ACP M . 12.33 26.54 13.88
O5' ACP M . 13.64 27.79 12.25
C5' ACP M . 13.92 28.97 13.00
C4' ACP M . 14.80 29.87 12.14
O4' ACP M . 16.06 29.24 11.92
C3' ACP M . 14.17 30.09 10.78
O3' ACP M . 13.50 31.34 10.72
C2' ACP M . 15.33 30.07 9.81
O2' ACP M . 15.69 31.44 9.55
C1' ACP M . 16.48 29.42 10.56
N9 ACP M . 16.84 28.12 9.92
C8 ACP M . 16.34 26.91 10.23
N7 ACP M . 16.90 25.94 9.45
C5 ACP M . 17.75 26.55 8.60
C6 ACP M . 18.66 26.12 7.51
N6 ACP M . 18.77 24.83 7.14
N1 ACP M . 19.37 27.09 6.89
C2 ACP M . 19.28 28.39 7.22
N3 ACP M . 18.49 28.85 8.21
C4 ACP M . 17.72 27.99 8.91
PA ACP N . 31.68 24.49 17.88
O1A ACP N . 32.88 25.09 18.60
O2A ACP N . 31.32 23.04 18.14
O3A ACP N . 31.88 24.70 16.29
O5' ACP N . 30.38 25.38 18.23
C5' ACP N . 30.39 26.80 18.11
C4' ACP N . 29.02 27.33 18.52
O4' ACP N . 27.99 26.63 17.81
C3' ACP N . 28.79 27.10 20.01
O3' ACP N . 28.36 28.32 20.61
C2' ACP N . 27.64 26.12 20.09
O2' ACP N . 26.75 26.40 21.18
C1' ACP N . 26.96 26.29 18.75
N9 ACP N . 26.22 25.06 18.40
C8 ACP N . 26.72 23.80 18.31
N7 ACP N . 25.75 22.91 18.00
C5 ACP N . 24.59 23.61 17.90
C6 ACP N . 23.19 23.30 17.58
N6 ACP N . 22.81 22.02 17.32
N1 ACP N . 22.31 24.34 17.58
C2 ACP N . 22.66 25.60 17.83
N3 ACP N . 23.93 25.95 18.12
C4 ACP N . 24.91 25.02 18.17
CAC FLC O . 24.33 16.25 34.86
CA FLC O . 22.86 16.40 34.53
CB FLC O . 22.52 17.40 33.42
CBC FLC O . 23.18 17.04 32.12
CG FLC O . 21.00 17.38 33.24
CGC FLC O . 20.44 18.63 32.58
OA1 FLC O . 25.20 16.78 34.15
OA2 FLC O . 24.63 15.56 35.86
OB1 FLC O . 24.18 17.70 31.73
OB2 FLC O . 22.69 16.07 31.50
OG1 FLC O . 21.21 19.58 32.34
OG2 FLC O . 19.20 18.67 32.32
OHB FLC O . 22.97 18.72 33.81
CAC FLC P . 33.93 17.98 22.35
CA FLC P . 33.69 16.74 23.20
CB FLC P . 32.63 16.88 24.29
CBC FLC P . 31.28 17.14 23.68
CG FLC P . 32.61 15.60 25.12
CGC FLC P . 31.45 15.47 26.08
OA1 FLC P . 35.05 18.10 21.79
OA2 FLC P . 33.01 18.82 22.20
OB1 FLC P . 30.91 16.38 22.75
OB2 FLC P . 30.60 18.09 24.11
OG1 FLC P . 30.89 16.50 26.52
OG2 FLC P . 31.10 14.32 26.43
OHB FLC P . 32.98 17.98 25.15
MG MG Q . 29.37 18.89 27.04
MG MG R . 27.10 18.21 32.43
MG MG S . 7.99 25.98 13.74
ZN ZN T . -4.58 20.95 15.38
PA ACP U . -23.59 -16.08 35.37
O1A ACP U . -23.07 -16.14 33.95
O2A ACP U . -23.66 -14.77 36.10
O3A ACP U . -22.68 -17.06 36.28
O5' ACP U . -25.02 -16.83 35.42
C5' ACP U . -25.87 -16.77 36.56
C4' ACP U . -26.56 -18.12 36.73
O4' ACP U . -27.56 -18.30 35.71
C3' ACP U . -25.59 -19.28 36.60
O3' ACP U . -25.14 -19.77 37.87
C2' ACP U . -26.36 -20.36 35.84
O2' ACP U . -26.85 -21.37 36.72
C1' ACP U . -27.53 -19.64 35.19
N9 ACP U . -27.25 -19.61 33.73
C8 ACP U . -26.56 -18.68 33.05
N7 ACP U . -26.49 -18.99 31.72
C5 ACP U . -27.16 -20.15 31.54
C6 ACP U . -27.48 -21.04 30.39
N6 ACP U . -27.08 -20.77 29.13
N1 ACP U . -28.20 -22.16 30.67
C2 ACP U . -28.60 -22.46 31.91
N3 ACP U . -28.35 -21.71 32.99
C4 ACP U . -27.65 -20.55 32.87
PA ACP V . 36.61 2.57 -22.96
O1A ACP V . 38.07 2.21 -23.15
O2A ACP V . 36.08 2.84 -21.57
O3A ACP V . 35.76 1.37 -23.64
O5' ACP V . 36.29 3.84 -23.89
C5' ACP V . 36.60 3.81 -25.29
C4' ACP V . 37.98 4.40 -25.57
O4' ACP V . 38.96 3.36 -25.51
C3' ACP V . 38.04 5.00 -26.97
O3' ACP V . 38.37 6.39 -26.91
C2' ACP V . 39.11 4.22 -27.72
O2' ACP V . 40.18 5.07 -28.13
C1' ACP V . 39.63 3.17 -26.76
N9 ACP V . 39.27 1.81 -27.29
C8 ACP V . 38.58 0.88 -26.61
N7 ACP V . 38.42 -0.24 -27.35
C5 ACP V . 39.02 -0.04 -28.54
C6 ACP V . 39.23 -0.83 -29.77
N6 ACP V . 38.75 -2.09 -29.91
N1 ACP V . 39.92 -0.25 -30.78
C2 ACP V . 40.40 1.01 -30.67
N3 ACP V . 40.26 1.77 -29.58
C4 ACP V . 39.59 1.31 -28.49
#